data_7PFW
#
_entry.id   7PFW
#
_cell.length_a   1.00
_cell.length_b   1.00
_cell.length_c   1.00
_cell.angle_alpha   90.00
_cell.angle_beta   90.00
_cell.angle_gamma   90.00
#
_symmetry.space_group_name_H-M   'P 1'
#
loop_
_entity.id
_entity.type
_entity.pdbx_description
1 polymer 'Histone H3.2'
2 polymer 'Histone H4'
3 polymer 'Histone H2A type 1-B/E'
4 polymer 'Histone H2B type 1-K'
5 polymer 'DNA (167-MER)'
6 polymer 'DNA (167-MER)'
7 polymer 'Histone H1.4'
#
loop_
_entity_poly.entity_id
_entity_poly.type
_entity_poly.pdbx_seq_one_letter_code
_entity_poly.pdbx_strand_id
1 'polypeptide(L)'
;MARTKQTARKSTGGKAPRKQLATKAARKSAPATGGVKKPHRYRPGTVALREIRRYQKSTELLIRKLPFQRLVREIAQDFK
TDLRFQSSAVMALQEASEAYLVGLFEDTNLAAIHAKRVTIMPKDIQLARRIRGERA
;
a,e
2 'polypeptide(L)'
;MSGRGKGGKGLGKGGAKRHRKVLRDNIQGITKPAIRRLARRGGVKRISGLIYEETRGVLKVFLENVIRDAVTYTEHAKRK
TVTAMDVVYALKRQGRTLYGFGG
;
b,f
3 'polypeptide(L)'
;HHHHHHENLYFQSNAPWMSGRGKQGGKARAKAKTRSSRAGLQFPVGRVHRLLRKGNYSERVGAGAPVYLAAVLEYLTAEI
LELAGNAARDNKKTRIIPRHLQLAIRNDEELNKLLGRVTIAQGGVLPNIQAVLLPKKTESHHKAKGK
;
c,g
4 'polypeptide(L)'
;MPEPAKSAPAPKKGSKKAVTKAQKKDGKKRKRSRKESYSVYVYKVLKQVHPDTGISSKAMGIMNSFVNDIFERIAGEASR
LAHYNKRSTITSREIQTAVRLLLPGELAKHAVSEGTKAVTKYTSAK
;
d,h
5 'polydeoxyribonucleotide'
;(DA)(DC)(DT)(DT)(DA)(DC)(DA)(DT)(DG)(DC)(DA)(DC)(DA)(DG)(DG)(DA)(DT)(DG)(DT)(DA)
(DT)(DA)(DT)(DA)(DT)(DG)(DT)(DG)(DA)(DC)(DA)(DC)(DG)(DT)(DG)(DC)(DC)(DT)(DG)(DG)
(DA)(DG)(DA)(DC)(DT)(DA)(DG)(DG)(DG)(DA)(DG)(DT)(DA)(DA)(DT)(DC)(DC)(DC)(DC)(DT)
(DT)(DG)(DG)(DC)(DG)(DG)(DT)(DT)(DA)(DA)(DA)(DA)(DC)(DG)(DC)(DG)(DG)(DG)(DG)(DG)
(DA)(DC)(DA)(DG)(DC)(DG)(DC)(DG)(DT)(DA)(DC)(DG)(DT)(DG)(DC)(DG)(DT)(DT)(DT)(DA)
(DA)(DG)(DC)(DG)(DG)(DT)(DG)(DC)(DT)(DA)(DG)(DA)(DG)(DC)(DT)(DG)(DT)(DC)(DT)(DA)
(DC)(DG)(DA)(DC)(DC)(DA)(DA)(DT)(DT)(DG)(DA)(DG)(DC)(DG)(DG)(DC)(DC)(DT)(DC)(DG)
(DG)(DC)(DA)(DC)(DC)(DG)(DG)(DG)(DA)(DT)(DT)(DC)(DT)(DC)(DC)(DA)(DG)(DT)(DG)(DG)
(DC)(DC)(DA)(DG)(DT)(DG)(DG)
;
J
6 'polydeoxyribonucleotide'
;(DC)(DC)(DA)(DC)(DT)(DG)(DG)(DC)(DC)(DA)(DC)(DT)(DG)(DG)(DA)(DG)(DA)(DA)(DT)(DC)
(DC)(DC)(DG)(DG)(DT)(DG)(DC)(DC)(DG)(DA)(DG)(DG)(DC)(DC)(DG)(DC)(DT)(DC)(DA)(DA)
(DT)(DT)(DG)(DG)(DT)(DC)(DG)(DT)(DA)(DG)(DA)(DC)(DA)(DG)(DC)(DT)(DC)(DT)(DA)(DG)
(DC)(DA)(DC)(DC)(DG)(DC)(DT)(DT)(DA)(DA)(DA)(DC)(DG)(DC)(DA)(DC)(DG)(DT)(DA)(DC)
(DG)(DC)(DG)(DC)(DT)(DG)(DT)(DC)(DC)(DC)(DC)(DC)(DG)(DC)(DG)(DT)(DT)(DT)(DT)(DA)
(DA)(DC)(DC)(DG)(DC)(DC)(DA)(DA)(DG)(DG)(DG)(DG)(DA)(DT)(DT)(DA)(DC)(DT)(DC)(DC)
(DC)(DT)(DA)(DG)(DT)(DC)(DT)(DC)(DC)(DA)(DG)(DG)(DC)(DA)(DC)(DG)(DT)(DG)(DT)(DC)
(DA)(DC)(DA)(DT)(DA)(DT)(DA)(DT)(DA)(DC)(DA)(DT)(DC)(DC)(DT)(DG)(DT)(DG)(DC)(DA)
(DT)(DG)(DT)(DA)(DA)(DG)(DT)
;
I
7 'polypeptide(L)'
;SETAPAAPAAPAPAEKTPVKKKARKSAGAAKRKASGPPVSELITKAVAASKERSGVSLAALKKALAAAGYDVEKNNSRIK
LGLKSLVSKGTLVQTKGTGASGSFKLNKKAASGEAKPKAKKAGAAKAKKPAGAAKKPKKATGAATPKKSAKKTPKKAKKP
AAAAGAKKAKSPKKAKAAKPKKAPKSPAKAKAVKPKAAKPKTAKPKAAKPKKAAAKKK
;
u
#
# COMPACT_ATOMS: atom_id res chain seq x y z
N LYS A 38 -47.00 -3.83 27.90
CA LYS A 38 -46.09 -3.01 27.12
C LYS A 38 -45.19 -3.91 26.28
N PRO A 39 -45.11 -3.63 24.97
CA PRO A 39 -44.34 -4.50 24.08
C PRO A 39 -42.85 -4.41 24.34
N HIS A 40 -42.17 -5.53 24.11
CA HIS A 40 -40.73 -5.61 24.33
C HIS A 40 -39.97 -4.80 23.30
N ARG A 41 -38.90 -4.15 23.75
CA ARG A 41 -38.06 -3.36 22.85
C ARG A 41 -36.70 -3.16 23.49
N TYR A 42 -35.64 -3.50 22.77
CA TYR A 42 -34.30 -3.31 23.29
C TYR A 42 -33.83 -1.87 23.10
N ARG A 43 -32.88 -1.47 23.93
CA ARG A 43 -32.29 -0.15 23.78
C ARG A 43 -31.33 -0.11 22.58
N PRO A 44 -31.06 1.08 22.04
CA PRO A 44 -30.12 1.18 20.91
C PRO A 44 -28.73 0.66 21.26
N GLY A 45 -28.08 0.06 20.28
CA GLY A 45 -26.77 -0.51 20.43
C GLY A 45 -26.76 -1.97 20.85
N THR A 46 -27.63 -2.35 21.79
CA THR A 46 -27.63 -3.72 22.31
C THR A 46 -27.91 -4.73 21.20
N VAL A 47 -28.94 -4.45 20.40
CA VAL A 47 -29.15 -5.19 19.16
C VAL A 47 -27.91 -5.06 18.28
N ALA A 48 -27.44 -3.83 18.07
CA ALA A 48 -26.38 -3.56 17.10
C ALA A 48 -25.10 -4.35 17.42
N LEU A 49 -24.72 -4.38 18.71
CA LEU A 49 -23.62 -5.24 19.10
C LEU A 49 -23.97 -6.72 18.98
N ARG A 50 -25.24 -7.09 19.13
CA ARG A 50 -25.58 -8.51 18.94
C ARG A 50 -25.35 -8.95 17.50
N GLU A 51 -25.77 -8.16 16.50
CA GLU A 51 -25.44 -8.60 15.15
C GLU A 51 -23.97 -8.31 14.82
N ILE A 52 -23.31 -7.41 15.56
CA ILE A 52 -21.86 -7.29 15.41
C ILE A 52 -21.19 -8.61 15.74
N ARG A 53 -21.58 -9.20 16.86
CA ARG A 53 -21.05 -10.52 17.22
C ARG A 53 -21.46 -11.57 16.20
N ARG A 54 -22.71 -11.50 15.74
CA ARG A 54 -23.22 -12.47 14.78
C ARG A 54 -22.43 -12.44 13.47
N TYR A 55 -22.20 -11.24 12.93
CA TYR A 55 -21.53 -11.16 11.65
C TYR A 55 -20.02 -11.27 11.79
N GLN A 56 -19.47 -11.07 12.99
CA GLN A 56 -18.07 -11.39 13.19
C GLN A 56 -17.83 -12.88 13.30
N LYS A 57 -18.71 -13.63 13.97
CA LYS A 57 -18.50 -15.08 13.99
C LYS A 57 -18.88 -15.70 12.67
N SER A 58 -19.71 -15.03 11.88
CA SER A 58 -20.14 -15.57 10.60
C SER A 58 -19.04 -15.41 9.55
N THR A 59 -19.11 -16.26 8.53
CA THR A 59 -18.27 -16.12 7.34
C THR A 59 -19.10 -15.89 6.09
N GLU A 60 -20.42 -15.82 6.21
CA GLU A 60 -21.29 -15.94 5.06
C GLU A 60 -21.56 -14.59 4.43
N LEU A 61 -22.23 -14.64 3.28
CA LEU A 61 -22.35 -13.46 2.42
C LEU A 61 -23.44 -12.53 2.94
N LEU A 62 -23.16 -11.23 2.89
CA LEU A 62 -24.11 -10.24 3.39
C LEU A 62 -24.95 -9.60 2.28
N ILE A 63 -24.43 -9.52 1.08
CA ILE A 63 -25.20 -9.05 -0.07
C ILE A 63 -25.85 -10.22 -0.79
N ARG A 64 -27.08 -9.99 -1.25
CA ARG A 64 -27.74 -10.91 -2.15
C ARG A 64 -26.94 -10.98 -3.44
N LYS A 65 -26.71 -12.20 -3.93
CA LYS A 65 -25.76 -12.37 -5.02
C LYS A 65 -26.34 -11.89 -6.35
N LEU A 66 -27.65 -12.05 -6.54
CA LEU A 66 -28.26 -11.74 -7.84
C LEU A 66 -28.12 -10.28 -8.26
N PRO A 67 -28.41 -9.27 -7.43
CA PRO A 67 -28.08 -7.90 -7.85
C PRO A 67 -26.59 -7.67 -7.99
N PHE A 68 -25.76 -8.45 -7.30
CA PHE A 68 -24.33 -8.31 -7.48
C PHE A 68 -23.89 -8.75 -8.87
N GLN A 69 -24.36 -9.91 -9.34
CA GLN A 69 -24.05 -10.30 -10.72
C GLN A 69 -24.65 -9.33 -11.72
N ARG A 70 -25.85 -8.83 -11.42
CA ARG A 70 -26.47 -7.84 -12.30
C ARG A 70 -25.62 -6.58 -12.41
N LEU A 71 -25.10 -6.12 -11.26
CA LEU A 71 -24.26 -4.92 -11.26
C LEU A 71 -22.93 -5.17 -11.94
N VAL A 72 -22.34 -6.35 -11.73
CA VAL A 72 -21.08 -6.68 -12.36
C VAL A 72 -21.23 -6.73 -13.87
N ARG A 73 -22.32 -7.33 -14.36
CA ARG A 73 -22.57 -7.37 -15.80
C ARG A 73 -22.82 -5.97 -16.33
N GLU A 74 -23.51 -5.13 -15.55
CA GLU A 74 -23.76 -3.75 -15.94
C GLU A 74 -22.46 -2.97 -16.11
N ILE A 75 -21.56 -3.07 -15.13
CA ILE A 75 -20.35 -2.25 -15.18
C ILE A 75 -19.35 -2.86 -16.14
N ALA A 76 -19.42 -4.17 -16.39
CA ALA A 76 -18.54 -4.79 -17.37
C ALA A 76 -18.99 -4.46 -18.78
N GLN A 77 -20.28 -4.20 -18.97
CA GLN A 77 -20.78 -3.76 -20.27
C GLN A 77 -20.18 -2.41 -20.66
N ASP A 78 -19.80 -1.61 -19.66
CA ASP A 78 -19.17 -0.32 -19.91
C ASP A 78 -17.82 -0.45 -20.62
N PHE A 79 -17.01 -1.43 -20.25
CA PHE A 79 -15.73 -1.66 -20.90
C PHE A 79 -15.86 -2.45 -22.19
N LYS A 80 -16.66 -3.52 -22.17
CA LYS A 80 -16.78 -4.37 -23.35
C LYS A 80 -18.18 -4.95 -23.39
N THR A 81 -18.73 -5.06 -24.59
CA THR A 81 -20.04 -5.67 -24.78
C THR A 81 -19.93 -7.19 -24.75
N ASP A 82 -21.10 -7.83 -24.82
CA ASP A 82 -21.34 -9.28 -24.88
C ASP A 82 -20.42 -10.13 -24.00
N LEU A 83 -20.10 -9.65 -22.80
CA LEU A 83 -19.20 -10.40 -21.94
C LEU A 83 -19.93 -11.53 -21.25
N ARG A 84 -19.26 -12.66 -21.12
CA ARG A 84 -19.76 -13.82 -20.41
C ARG A 84 -18.89 -14.06 -19.19
N PHE A 85 -19.45 -14.74 -18.19
CA PHE A 85 -18.90 -14.73 -16.86
C PHE A 85 -18.86 -16.15 -16.30
N GLN A 86 -17.69 -16.56 -15.81
CA GLN A 86 -17.63 -17.71 -14.92
C GLN A 86 -18.29 -17.33 -13.61
N SER A 87 -19.09 -18.26 -13.07
CA SER A 87 -19.72 -18.02 -11.78
C SER A 87 -18.69 -17.85 -10.68
N SER A 88 -17.65 -18.68 -10.69
CA SER A 88 -16.56 -18.58 -9.73
C SER A 88 -15.81 -17.27 -9.85
N ALA A 89 -15.72 -16.72 -11.06
CA ALA A 89 -15.11 -15.41 -11.24
C ALA A 89 -15.89 -14.33 -10.51
N VAL A 90 -17.21 -14.36 -10.65
CA VAL A 90 -18.04 -13.37 -9.95
C VAL A 90 -17.98 -13.59 -8.46
N MET A 91 -17.87 -14.85 -8.03
CA MET A 91 -17.70 -15.12 -6.61
C MET A 91 -16.39 -14.53 -6.09
N ALA A 92 -15.30 -14.69 -6.83
CA ALA A 92 -14.02 -14.15 -6.40
C ALA A 92 -14.08 -12.63 -6.34
N LEU A 93 -14.75 -12.02 -7.32
CA LEU A 93 -15.06 -10.59 -7.24
C LEU A 93 -15.84 -10.26 -5.98
N GLN A 94 -16.78 -11.14 -5.61
CA GLN A 94 -17.64 -10.89 -4.46
C GLN A 94 -16.83 -10.82 -3.16
N GLU A 95 -16.02 -11.85 -2.86
CA GLU A 95 -15.24 -11.76 -1.62
C GLU A 95 -14.16 -10.68 -1.71
N ALA A 96 -13.57 -10.45 -2.88
CA ALA A 96 -12.55 -9.42 -2.98
C ALA A 96 -13.12 -8.03 -2.68
N SER A 97 -14.28 -7.74 -3.26
CA SER A 97 -14.94 -6.45 -3.03
C SER A 97 -15.38 -6.31 -1.58
N GLU A 98 -16.01 -7.36 -1.03
CA GLU A 98 -16.53 -7.22 0.32
C GLU A 98 -15.41 -7.12 1.33
N ALA A 99 -14.28 -7.80 1.09
CA ALA A 99 -13.13 -7.70 1.97
C ALA A 99 -12.53 -6.31 1.92
N TYR A 100 -12.40 -5.73 0.70
CA TYR A 100 -11.89 -4.37 0.56
C TYR A 100 -12.76 -3.38 1.34
N LEU A 101 -14.06 -3.43 1.12
CA LEU A 101 -14.93 -2.46 1.78
C LEU A 101 -14.99 -2.70 3.29
N VAL A 102 -14.94 -3.95 3.73
CA VAL A 102 -15.07 -4.22 5.17
C VAL A 102 -13.81 -3.78 5.89
N GLY A 103 -12.65 -3.93 5.21
CA GLY A 103 -11.42 -3.40 5.77
C GLY A 103 -11.48 -1.90 5.89
N LEU A 104 -12.09 -1.25 4.90
CA LEU A 104 -12.38 0.17 5.02
C LEU A 104 -13.32 0.46 6.19
N PHE A 105 -14.21 -0.48 6.53
CA PHE A 105 -15.07 -0.21 7.70
C PHE A 105 -14.31 -0.27 9.02
N GLU A 106 -13.41 -1.23 9.25
CA GLU A 106 -12.71 -1.13 10.54
C GLU A 106 -11.74 0.05 10.54
N ASP A 107 -11.24 0.43 9.36
CA ASP A 107 -10.45 1.64 9.27
C ASP A 107 -11.28 2.87 9.62
N THR A 108 -12.54 2.88 9.18
CA THR A 108 -13.47 3.95 9.52
C THR A 108 -13.78 3.94 11.01
N ASN A 109 -13.89 2.76 11.61
CA ASN A 109 -14.03 2.65 13.06
C ASN A 109 -12.87 3.30 13.79
N LEU A 110 -11.65 3.02 13.31
CA LEU A 110 -10.47 3.64 13.90
C LEU A 110 -10.50 5.15 13.77
N ALA A 111 -10.94 5.64 12.61
CA ALA A 111 -11.05 7.08 12.40
C ALA A 111 -12.09 7.70 13.34
N ALA A 112 -13.23 7.04 13.50
CA ALA A 112 -14.31 7.59 14.31
C ALA A 112 -13.95 7.60 15.80
N ILE A 113 -13.33 6.52 16.28
CA ILE A 113 -12.96 6.50 17.69
C ILE A 113 -11.80 7.44 17.94
N HIS A 114 -10.96 7.66 16.92
CA HIS A 114 -9.89 8.62 17.06
C HIS A 114 -10.43 10.04 17.10
N ALA A 115 -11.55 10.27 16.43
CA ALA A 115 -12.29 11.52 16.56
C ALA A 115 -13.29 11.48 17.71
N LYS A 116 -13.16 10.50 18.60
CA LYS A 116 -13.91 10.39 19.86
C LYS A 116 -15.41 10.23 19.63
N ARG A 117 -15.80 9.71 18.47
CA ARG A 117 -17.20 9.54 18.14
C ARG A 117 -17.52 8.06 18.00
N VAL A 118 -18.83 7.77 17.96
CA VAL A 118 -19.32 6.45 17.65
C VAL A 118 -20.13 6.43 16.35
N THR A 119 -20.46 7.60 15.82
CA THR A 119 -21.20 7.71 14.57
C THR A 119 -20.24 8.16 13.47
N ILE A 120 -20.30 7.48 12.32
CA ILE A 120 -19.38 7.78 11.25
C ILE A 120 -19.95 8.87 10.34
N MET A 121 -19.07 9.60 9.68
CA MET A 121 -19.41 10.53 8.61
C MET A 121 -18.56 10.17 7.40
N PRO A 122 -18.93 10.62 6.19
CA PRO A 122 -18.12 10.29 4.99
C PRO A 122 -16.66 10.69 5.10
N LYS A 123 -16.40 11.83 5.74
CA LYS A 123 -15.06 12.40 5.86
C LYS A 123 -14.09 11.41 6.49
N ASP A 124 -14.60 10.55 7.36
CA ASP A 124 -13.87 9.37 7.81
C ASP A 124 -13.39 8.53 6.63
N ILE A 125 -14.30 8.26 5.69
CA ILE A 125 -13.99 7.33 4.61
C ILE A 125 -12.98 7.91 3.64
N GLN A 126 -13.19 9.16 3.16
CA GLN A 126 -12.17 9.65 2.24
C GLN A 126 -10.87 9.99 2.97
N LEU A 127 -10.94 10.27 4.27
CA LEU A 127 -9.71 10.37 5.07
C LEU A 127 -8.93 9.06 5.03
N ALA A 128 -9.61 7.95 5.32
CA ALA A 128 -8.94 6.65 5.36
C ALA A 128 -8.40 6.27 3.99
N ARG A 129 -9.16 6.57 2.95
CA ARG A 129 -8.69 6.27 1.59
C ARG A 129 -7.49 7.11 1.23
N ARG A 130 -7.49 8.39 1.61
CA ARG A 130 -6.39 9.26 1.22
C ARG A 130 -5.12 8.91 1.99
N ILE A 131 -5.25 8.49 3.25
CA ILE A 131 -4.08 7.99 3.96
C ILE A 131 -3.61 6.67 3.37
N ARG A 132 -4.56 5.85 2.89
CA ARG A 132 -4.18 4.66 2.14
C ARG A 132 -3.61 4.99 0.76
N GLY A 133 -3.75 6.23 0.32
CA GLY A 133 -3.27 6.60 -1.00
C GLY A 133 -4.30 6.45 -2.09
N GLU A 134 -5.57 6.33 -1.74
CA GLU A 134 -6.63 6.11 -2.71
C GLU A 134 -7.28 7.42 -3.12
N LYS B 21 -32.12 -6.43 -21.53
CA LYS B 21 -30.71 -6.77 -21.66
C LYS B 21 -29.84 -5.62 -21.15
N VAL B 22 -30.39 -4.41 -21.20
CA VAL B 22 -29.67 -3.23 -20.74
C VAL B 22 -29.92 -3.04 -19.25
N LEU B 23 -28.87 -2.65 -18.52
CA LEU B 23 -28.94 -2.45 -17.08
C LEU B 23 -28.51 -1.02 -16.75
N ARG B 24 -29.27 -0.35 -15.88
CA ARG B 24 -29.08 1.08 -15.70
C ARG B 24 -28.91 1.52 -14.25
N ASP B 25 -29.60 0.89 -13.30
CA ASP B 25 -29.57 1.37 -11.91
C ASP B 25 -29.20 0.25 -10.94
N ASN B 26 -28.23 -0.57 -11.31
CA ASN B 26 -27.83 -1.67 -10.46
C ASN B 26 -26.92 -1.25 -9.30
N ILE B 27 -26.54 0.03 -9.23
CA ILE B 27 -25.85 0.50 -8.03
C ILE B 27 -26.82 0.55 -6.86
N GLN B 28 -28.11 0.61 -7.13
CA GLN B 28 -29.07 0.50 -6.04
C GLN B 28 -29.22 -0.92 -5.52
N GLY B 29 -28.60 -1.90 -6.19
CA GLY B 29 -28.65 -3.28 -5.76
C GLY B 29 -27.98 -3.55 -4.42
N ILE B 30 -26.97 -2.77 -4.05
CA ILE B 30 -26.38 -2.87 -2.72
C ILE B 30 -27.38 -2.23 -1.75
N THR B 31 -28.20 -3.07 -1.14
CA THR B 31 -29.33 -2.61 -0.36
C THR B 31 -28.86 -1.98 0.94
N LYS B 32 -29.74 -1.16 1.50
CA LYS B 32 -29.42 -0.38 2.69
C LYS B 32 -29.07 -1.27 3.88
N PRO B 33 -29.88 -2.29 4.26
CA PRO B 33 -29.44 -3.15 5.36
C PRO B 33 -28.24 -4.01 5.02
N ALA B 34 -27.99 -4.27 3.74
CA ALA B 34 -26.74 -4.95 3.37
C ALA B 34 -25.54 -4.10 3.73
N ILE B 35 -25.64 -2.79 3.48
CA ILE B 35 -24.57 -1.88 3.89
C ILE B 35 -24.43 -1.86 5.40
N ARG B 36 -25.57 -1.91 6.11
CA ARG B 36 -25.51 -2.02 7.57
C ARG B 36 -24.81 -3.30 8.01
N ARG B 37 -25.10 -4.42 7.34
CA ARG B 37 -24.46 -5.69 7.66
C ARG B 37 -22.95 -5.62 7.41
N LEU B 38 -22.55 -5.00 6.30
CA LEU B 38 -21.15 -4.82 5.99
C LEU B 38 -20.46 -3.98 7.04
N ALA B 39 -21.15 -2.98 7.58
CA ALA B 39 -20.61 -2.21 8.68
C ALA B 39 -20.50 -3.05 9.94
N ARG B 40 -21.46 -3.94 10.17
CA ARG B 40 -21.42 -4.78 11.38
C ARG B 40 -20.28 -5.77 11.33
N ARG B 41 -20.01 -6.34 10.15
CA ARG B 41 -18.81 -7.16 10.03
C ARG B 41 -17.56 -6.31 10.17
N GLY B 42 -17.62 -5.05 9.75
CA GLY B 42 -16.57 -4.12 10.08
C GLY B 42 -16.59 -3.61 11.50
N GLY B 43 -17.60 -3.98 12.28
CA GLY B 43 -17.63 -3.64 13.68
C GLY B 43 -18.12 -2.26 14.01
N VAL B 44 -18.82 -1.60 13.09
CA VAL B 44 -19.40 -0.29 13.36
C VAL B 44 -20.74 -0.51 14.04
N LYS B 45 -20.97 0.16 15.17
CA LYS B 45 -22.31 0.00 15.74
C LYS B 45 -23.26 1.11 15.27
N ARG B 46 -22.73 2.27 14.93
CA ARG B 46 -23.59 3.38 14.54
C ARG B 46 -23.09 3.99 13.23
N ILE B 47 -23.97 4.01 12.23
CA ILE B 47 -23.64 4.53 10.91
C ILE B 47 -24.59 5.68 10.59
N SER B 48 -24.10 6.65 9.81
CA SER B 48 -24.96 7.74 9.40
C SER B 48 -25.77 7.38 8.17
N GLY B 49 -26.79 8.19 7.90
CA GLY B 49 -27.53 8.07 6.66
C GLY B 49 -26.77 8.58 5.46
N LEU B 50 -25.69 9.32 5.67
CA LEU B 50 -24.93 9.91 4.59
C LEU B 50 -23.79 9.02 4.12
N ILE B 51 -23.79 7.72 4.45
CA ILE B 51 -22.61 6.91 4.21
C ILE B 51 -22.75 6.09 2.94
N TYR B 52 -23.98 5.70 2.62
CA TYR B 52 -24.25 4.69 1.59
C TYR B 52 -23.78 5.14 0.22
N GLU B 53 -23.93 6.43 -0.09
CA GLU B 53 -23.65 6.91 -1.44
C GLU B 53 -22.14 6.90 -1.74
N GLU B 54 -21.30 7.37 -0.81
CA GLU B 54 -19.88 7.38 -1.12
C GLU B 54 -19.29 5.99 -0.94
N THR B 55 -19.91 5.15 -0.10
CA THR B 55 -19.48 3.75 -0.11
C THR B 55 -19.78 3.10 -1.44
N ARG B 56 -20.94 3.43 -2.03
CA ARG B 56 -21.27 2.95 -3.37
C ARG B 56 -20.24 3.45 -4.39
N GLY B 57 -19.84 4.71 -4.27
CA GLY B 57 -18.85 5.25 -5.21
C GLY B 57 -17.50 4.58 -5.09
N VAL B 58 -17.04 4.37 -3.86
CA VAL B 58 -15.74 3.75 -3.64
C VAL B 58 -15.76 2.30 -4.13
N LEU B 59 -16.82 1.56 -3.80
CA LEU B 59 -16.88 0.17 -4.22
C LEU B 59 -16.97 0.06 -5.73
N LYS B 60 -17.76 0.94 -6.38
CA LYS B 60 -17.84 0.84 -7.83
C LYS B 60 -16.48 1.14 -8.46
N VAL B 61 -15.79 2.20 -7.99
CA VAL B 61 -14.52 2.61 -8.60
C VAL B 61 -13.49 1.49 -8.48
N PHE B 62 -13.43 0.87 -7.30
CA PHE B 62 -12.63 -0.34 -7.12
C PHE B 62 -13.03 -1.43 -8.12
N LEU B 63 -14.33 -1.57 -8.36
CA LEU B 63 -14.77 -2.59 -9.30
C LEU B 63 -14.38 -2.29 -10.74
N GLU B 64 -14.48 -1.03 -11.21
CA GLU B 64 -14.06 -0.80 -12.60
C GLU B 64 -12.56 -1.00 -12.74
N ASN B 65 -11.80 -0.67 -11.69
CA ASN B 65 -10.37 -0.98 -11.72
C ASN B 65 -10.12 -2.47 -11.92
N VAL B 66 -10.75 -3.29 -11.09
CA VAL B 66 -10.45 -4.72 -11.14
C VAL B 66 -11.02 -5.37 -12.40
N ILE B 67 -12.21 -4.94 -12.85
CA ILE B 67 -12.77 -5.61 -14.01
C ILE B 67 -12.07 -5.12 -15.27
N ARG B 68 -11.55 -3.89 -15.25
CA ARG B 68 -10.77 -3.39 -16.36
C ARG B 68 -9.49 -4.18 -16.51
N ASP B 69 -8.81 -4.44 -15.40
CA ASP B 69 -7.63 -5.29 -15.46
C ASP B 69 -7.98 -6.70 -15.95
N ALA B 70 -9.08 -7.25 -15.44
CA ALA B 70 -9.49 -8.60 -15.80
C ALA B 70 -9.89 -8.70 -17.27
N VAL B 71 -10.59 -7.68 -17.78
CA VAL B 71 -10.99 -7.75 -19.17
C VAL B 71 -9.78 -7.53 -20.06
N THR B 72 -8.81 -6.74 -19.61
CA THR B 72 -7.56 -6.58 -20.37
C THR B 72 -6.86 -7.93 -20.51
N TYR B 73 -6.84 -8.69 -19.42
CA TYR B 73 -6.43 -10.09 -19.50
C TYR B 73 -7.30 -10.88 -20.47
N THR B 74 -8.60 -10.58 -20.50
CA THR B 74 -9.54 -11.41 -21.24
C THR B 74 -9.40 -11.25 -22.75
N GLU B 75 -9.32 -10.01 -23.25
CA GLU B 75 -9.00 -9.89 -24.67
C GLU B 75 -7.55 -10.23 -24.95
N HIS B 76 -6.66 -10.18 -23.94
CA HIS B 76 -5.37 -10.79 -24.20
C HIS B 76 -5.51 -12.31 -24.30
N ALA B 77 -6.41 -12.89 -23.50
CA ALA B 77 -6.74 -14.29 -23.68
C ALA B 77 -7.58 -14.54 -24.93
N LYS B 78 -8.05 -13.46 -25.58
CA LYS B 78 -8.84 -13.52 -26.81
C LYS B 78 -10.14 -14.27 -26.62
N ARG B 79 -10.63 -14.30 -25.38
CA ARG B 79 -11.93 -14.86 -25.05
C ARG B 79 -12.91 -13.73 -24.77
N LYS B 80 -14.20 -14.05 -24.89
CA LYS B 80 -15.22 -13.13 -24.42
C LYS B 80 -15.88 -13.60 -23.14
N THR B 81 -15.45 -14.74 -22.60
CA THR B 81 -15.89 -15.20 -21.29
C THR B 81 -14.75 -15.00 -20.31
N VAL B 82 -15.00 -14.24 -19.24
CA VAL B 82 -13.97 -14.00 -18.25
C VAL B 82 -13.85 -15.22 -17.35
N THR B 83 -12.64 -15.50 -16.88
CA THR B 83 -12.37 -16.62 -16.00
C THR B 83 -11.88 -16.12 -14.65
N ALA B 84 -12.04 -16.98 -13.64
CA ALA B 84 -11.67 -16.62 -12.28
C ALA B 84 -10.17 -16.44 -12.12
N MET B 85 -9.37 -17.15 -12.91
CA MET B 85 -7.92 -17.05 -12.74
C MET B 85 -7.42 -15.70 -13.27
N ASP B 86 -8.07 -15.19 -14.31
CA ASP B 86 -7.80 -13.83 -14.75
C ASP B 86 -8.20 -12.82 -13.70
N VAL B 87 -9.29 -13.08 -12.98
CA VAL B 87 -9.67 -12.24 -11.86
C VAL B 87 -8.60 -12.28 -10.78
N VAL B 88 -8.00 -13.46 -10.56
CA VAL B 88 -6.91 -13.61 -9.61
C VAL B 88 -5.72 -12.74 -10.02
N TYR B 89 -5.37 -12.78 -11.30
CA TYR B 89 -4.30 -11.91 -11.80
C TYR B 89 -4.66 -10.43 -11.62
N ALA B 90 -5.91 -10.07 -11.91
CA ALA B 90 -6.35 -8.69 -11.84
C ALA B 90 -6.31 -8.17 -10.41
N LEU B 91 -6.64 -9.02 -9.45
CA LEU B 91 -6.59 -8.58 -8.06
C LEU B 91 -5.16 -8.56 -7.53
N LYS B 92 -4.31 -9.50 -7.95
CA LYS B 92 -2.97 -9.56 -7.36
C LYS B 92 -2.07 -8.50 -7.97
N ARG B 93 -2.42 -7.99 -9.15
CA ARG B 93 -1.60 -6.97 -9.79
C ARG B 93 -1.57 -5.66 -9.01
N GLN B 94 -2.52 -5.43 -8.11
CA GLN B 94 -2.39 -4.37 -7.12
C GLN B 94 -2.15 -4.90 -5.73
N GLY B 95 -1.85 -6.19 -5.59
CA GLY B 95 -1.50 -6.73 -4.30
C GLY B 95 -2.65 -6.95 -3.34
N ARG B 96 -3.74 -7.54 -3.81
CA ARG B 96 -4.93 -7.80 -3.02
C ARG B 96 -5.26 -9.27 -3.02
N THR B 97 -4.25 -10.09 -2.71
CA THR B 97 -4.23 -11.51 -3.06
C THR B 97 -5.35 -12.29 -2.39
N LEU B 98 -6.05 -13.08 -3.21
CA LEU B 98 -7.16 -13.91 -2.79
C LEU B 98 -6.80 -15.37 -3.03
N TYR B 99 -7.16 -16.22 -2.08
CA TYR B 99 -6.85 -17.63 -2.16
C TYR B 99 -8.11 -18.43 -2.46
N GLY B 100 -7.94 -19.63 -2.99
CA GLY B 100 -9.03 -20.57 -3.17
C GLY B 100 -9.73 -20.52 -4.50
N PHE B 101 -9.17 -19.87 -5.50
CA PHE B 101 -9.79 -19.75 -6.82
C PHE B 101 -8.81 -20.12 -7.91
N GLY B 102 -8.09 -21.22 -7.72
CA GLY B 102 -7.12 -21.64 -8.70
C GLY B 102 -5.79 -20.93 -8.63
N GLY B 103 -5.61 -20.04 -7.66
CA GLY B 103 -4.37 -19.30 -7.53
C GLY B 103 -3.19 -20.14 -7.06
N ALA C 28 30.41 -7.57 -49.41
CA ALA C 28 29.22 -7.14 -50.14
C ALA C 28 28.06 -6.88 -49.19
N ARG C 29 28.38 -6.73 -47.90
CA ARG C 29 27.35 -6.48 -46.90
C ARG C 29 26.80 -5.07 -47.05
N ALA C 30 25.50 -4.93 -46.88
CA ALA C 30 24.86 -3.64 -46.96
C ALA C 30 25.23 -2.76 -45.76
N LYS C 31 25.05 -1.46 -45.93
CA LYS C 31 25.32 -0.52 -44.85
C LYS C 31 24.35 -0.72 -43.70
N ALA C 32 24.89 -0.83 -42.50
CA ALA C 32 24.09 -1.14 -41.32
C ALA C 32 23.45 0.13 -40.77
N LYS C 33 22.13 0.14 -40.69
CA LYS C 33 21.43 1.14 -39.90
C LYS C 33 21.24 0.58 -38.49
N THR C 34 20.47 1.28 -37.68
CA THR C 34 20.06 0.78 -36.37
C THR C 34 18.55 0.56 -36.39
N ARG C 35 18.10 -0.34 -35.52
CA ARG C 35 16.67 -0.59 -35.42
C ARG C 35 15.92 0.62 -34.88
N SER C 36 16.58 1.43 -34.04
CA SER C 36 15.99 2.69 -33.61
C SER C 36 15.83 3.65 -34.77
N SER C 37 16.81 3.69 -35.67
CA SER C 37 16.69 4.52 -36.87
C SER C 37 15.61 3.97 -37.80
N ARG C 38 15.50 2.65 -37.90
CA ARG C 38 14.47 2.05 -38.73
C ARG C 38 13.09 2.30 -38.17
N ALA C 39 12.98 2.40 -36.86
CA ALA C 39 11.73 2.81 -36.22
C ALA C 39 11.66 4.31 -35.98
N GLY C 40 12.70 5.05 -36.35
CA GLY C 40 12.71 6.48 -36.12
C GLY C 40 12.74 6.88 -34.66
N LEU C 41 13.37 6.08 -33.81
CA LEU C 41 13.31 6.27 -32.37
C LEU C 41 14.67 6.65 -31.82
N GLN C 42 14.67 7.17 -30.59
CA GLN C 42 15.90 7.61 -29.93
C GLN C 42 16.53 6.55 -29.04
N PHE C 43 15.72 5.74 -28.35
CA PHE C 43 16.30 4.76 -27.44
C PHE C 43 16.85 3.57 -28.22
N PRO C 44 17.95 2.97 -27.76
CA PRO C 44 18.55 1.83 -28.47
C PRO C 44 17.68 0.60 -28.39
N VAL C 45 17.09 0.23 -29.54
CA VAL C 45 16.30 -1.00 -29.62
C VAL C 45 17.20 -2.21 -29.37
N GLY C 46 18.44 -2.15 -29.83
CA GLY C 46 19.35 -3.27 -29.63
C GLY C 46 19.71 -3.49 -28.16
N ARG C 47 20.00 -2.41 -27.44
CA ARG C 47 20.28 -2.54 -26.01
C ARG C 47 19.06 -3.01 -25.25
N VAL C 48 17.88 -2.51 -25.61
CA VAL C 48 16.64 -2.94 -24.97
C VAL C 48 16.39 -4.42 -25.22
N HIS C 49 16.61 -4.86 -26.45
CA HIS C 49 16.43 -6.27 -26.80
C HIS C 49 17.43 -7.15 -26.05
N ARG C 50 18.67 -6.69 -25.93
CA ARG C 50 19.68 -7.43 -25.18
C ARG C 50 19.31 -7.54 -23.71
N LEU C 51 18.81 -6.45 -23.13
CA LEU C 51 18.42 -6.49 -21.72
C LEU C 51 17.19 -7.38 -21.51
N LEU C 52 16.28 -7.39 -22.48
CA LEU C 52 15.14 -8.29 -22.40
C LEU C 52 15.57 -9.74 -22.49
N ARG C 53 16.51 -10.04 -23.39
CA ARG C 53 17.00 -11.41 -23.53
C ARG C 53 17.72 -11.87 -22.28
N LYS C 54 18.54 -11.00 -21.70
CA LYS C 54 19.29 -11.34 -20.50
C LYS C 54 18.52 -11.04 -19.23
N GLY C 55 17.33 -10.46 -19.33
CA GLY C 55 16.51 -10.21 -18.17
C GLY C 55 15.66 -11.37 -17.72
N ASN C 56 15.75 -12.50 -18.45
CA ASN C 56 15.07 -13.75 -18.11
C ASN C 56 13.56 -13.57 -18.03
N TYR C 57 12.98 -13.07 -19.12
CA TYR C 57 11.54 -12.92 -19.20
C TYR C 57 10.89 -13.93 -20.12
N SER C 58 11.51 -14.21 -21.26
CA SER C 58 11.17 -15.39 -22.05
C SER C 58 12.40 -15.80 -22.83
N GLU C 59 12.45 -17.08 -23.20
CA GLU C 59 13.57 -17.59 -23.97
C GLU C 59 13.50 -17.15 -25.42
N ARG C 60 12.34 -16.68 -25.88
CA ARG C 60 12.23 -16.09 -27.20
C ARG C 60 11.59 -14.71 -27.09
N VAL C 61 11.97 -13.83 -28.02
CA VAL C 61 11.52 -12.45 -28.03
C VAL C 61 10.98 -12.12 -29.42
N GLY C 62 9.75 -11.60 -29.46
CA GLY C 62 9.22 -11.13 -30.73
C GLY C 62 9.95 -9.91 -31.22
N ALA C 63 9.95 -9.73 -32.54
CA ALA C 63 10.75 -8.67 -33.13
C ALA C 63 10.18 -7.29 -32.81
N GLY C 64 8.87 -7.13 -32.91
CA GLY C 64 8.27 -5.83 -32.68
C GLY C 64 8.09 -5.43 -31.24
N ALA C 65 8.22 -6.36 -30.31
CA ALA C 65 8.03 -6.04 -28.90
C ALA C 65 9.06 -5.05 -28.35
N PRO C 66 10.38 -5.21 -28.55
CA PRO C 66 11.28 -4.16 -28.05
C PRO C 66 11.14 -2.84 -28.79
N VAL C 67 10.71 -2.89 -30.06
CA VAL C 67 10.40 -1.66 -30.78
C VAL C 67 9.26 -0.91 -30.12
N TYR C 68 8.19 -1.65 -29.79
CA TYR C 68 7.04 -1.08 -29.11
C TYR C 68 7.43 -0.54 -27.75
N LEU C 69 8.28 -1.29 -27.04
CA LEU C 69 8.73 -0.89 -25.72
C LEU C 69 9.57 0.38 -25.76
N ALA C 70 10.50 0.46 -26.72
CA ALA C 70 11.32 1.65 -26.88
C ALA C 70 10.45 2.84 -27.25
N ALA C 71 9.42 2.62 -28.07
CA ALA C 71 8.54 3.71 -28.47
C ALA C 71 7.75 4.25 -27.28
N VAL C 72 7.16 3.37 -26.47
CA VAL C 72 6.37 3.83 -25.34
C VAL C 72 7.27 4.46 -24.28
N LEU C 73 8.49 3.94 -24.13
CA LEU C 73 9.47 4.57 -23.26
C LEU C 73 9.82 5.98 -23.72
N GLU C 74 10.05 6.15 -25.02
CA GLU C 74 10.37 7.46 -25.56
C GLU C 74 9.20 8.42 -25.36
N TYR C 75 7.98 7.93 -25.52
CA TYR C 75 6.80 8.73 -25.22
C TYR C 75 6.79 9.20 -23.77
N LEU C 76 6.94 8.25 -22.83
CA LEU C 76 6.80 8.57 -21.41
C LEU C 76 7.87 9.55 -20.95
N THR C 77 9.12 9.31 -21.36
CA THR C 77 10.17 10.28 -21.13
C THR C 77 9.86 11.62 -21.77
N ALA C 78 9.18 11.62 -22.92
CA ALA C 78 8.87 12.89 -23.57
C ALA C 78 7.93 13.73 -22.72
N GLU C 79 6.84 13.16 -22.18
CA GLU C 79 5.96 14.07 -21.43
C GLU C 79 6.58 14.44 -20.10
N ILE C 80 7.32 13.53 -19.45
CA ILE C 80 7.87 13.91 -18.16
C ILE C 80 8.97 14.96 -18.32
N LEU C 81 9.75 14.86 -19.40
CA LEU C 81 10.75 15.88 -19.67
C LEU C 81 10.11 17.20 -20.05
N GLU C 82 8.98 17.14 -20.77
CA GLU C 82 8.29 18.38 -21.14
C GLU C 82 7.74 19.08 -19.91
N LEU C 83 7.15 18.32 -18.99
CA LEU C 83 6.65 18.91 -17.75
C LEU C 83 7.78 19.45 -16.91
N ALA C 84 8.91 18.74 -16.87
CA ALA C 84 10.07 19.23 -16.14
C ALA C 84 10.60 20.53 -16.74
N GLY C 85 10.63 20.61 -18.07
CA GLY C 85 11.09 21.84 -18.72
C GLY C 85 10.13 23.00 -18.49
N ASN C 86 8.82 22.72 -18.47
CA ASN C 86 7.85 23.75 -18.15
C ASN C 86 8.01 24.23 -16.72
N ALA C 87 8.28 23.31 -15.79
CA ALA C 87 8.51 23.70 -14.40
C ALA C 87 9.77 24.53 -14.26
N ALA C 88 10.83 24.16 -14.98
CA ALA C 88 12.07 24.93 -14.93
C ALA C 88 11.90 26.32 -15.53
N ARG C 89 11.14 26.41 -16.63
CA ARG C 89 10.83 27.71 -17.22
C ARG C 89 10.00 28.57 -16.28
N ASP C 90 9.06 27.94 -15.56
CA ASP C 90 8.32 28.66 -14.53
C ASP C 90 9.24 29.06 -13.38
N ASN C 91 10.22 28.23 -13.06
CA ASN C 91 11.22 28.55 -12.07
C ASN C 91 12.42 29.28 -12.66
N LYS C 92 12.31 29.68 -13.94
CA LYS C 92 13.25 30.55 -14.68
C LYS C 92 14.69 30.06 -14.64
N LYS C 93 14.91 28.77 -14.37
CA LYS C 93 16.22 28.16 -14.48
C LYS C 93 16.30 27.36 -15.77
N THR C 94 17.44 27.48 -16.45
CA THR C 94 17.62 26.81 -17.73
C THR C 94 18.08 25.38 -17.60
N ARG C 95 18.30 24.89 -16.39
CA ARG C 95 18.79 23.53 -16.18
C ARG C 95 17.80 22.79 -15.30
N ILE C 96 17.50 21.54 -15.67
CA ILE C 96 16.54 20.76 -14.91
C ILE C 96 17.16 20.32 -13.59
N ILE C 97 16.44 20.57 -12.50
CA ILE C 97 16.88 20.15 -11.18
C ILE C 97 15.88 19.13 -10.67
N PRO C 98 16.24 18.28 -9.69
CA PRO C 98 15.27 17.31 -9.17
C PRO C 98 14.02 17.92 -8.55
N ARG C 99 14.11 19.16 -8.05
CA ARG C 99 12.92 19.82 -7.54
C ARG C 99 11.92 20.06 -8.66
N HIS C 100 12.40 20.43 -9.85
CA HIS C 100 11.54 20.53 -11.02
C HIS C 100 10.90 19.18 -11.35
N LEU C 101 11.67 18.11 -11.20
CA LEU C 101 11.13 16.77 -11.46
C LEU C 101 10.01 16.44 -10.50
N GLN C 102 10.20 16.73 -9.22
CA GLN C 102 9.16 16.49 -8.22
C GLN C 102 7.92 17.31 -8.49
N LEU C 103 8.10 18.61 -8.77
CA LEU C 103 6.96 19.49 -8.99
C LEU C 103 6.21 19.10 -10.25
N ALA C 104 6.92 18.61 -11.26
CA ALA C 104 6.27 18.11 -12.45
C ALA C 104 5.50 16.82 -12.16
N ILE C 105 6.11 15.88 -11.43
CA ILE C 105 5.56 14.54 -11.35
C ILE C 105 4.38 14.51 -10.37
N ARG C 106 4.39 15.38 -9.37
CA ARG C 106 3.31 15.34 -8.40
C ARG C 106 2.07 16.05 -8.90
N ASN C 107 2.22 16.94 -9.89
CA ASN C 107 1.09 17.74 -10.33
C ASN C 107 0.28 17.08 -11.44
N ASP C 108 0.71 15.95 -11.97
CA ASP C 108 -0.11 15.16 -12.88
C ASP C 108 -0.55 13.90 -12.14
N GLU C 109 -1.84 13.80 -11.86
CA GLU C 109 -2.33 12.83 -10.89
C GLU C 109 -2.21 11.40 -11.39
N GLU C 110 -2.32 11.18 -12.70
CA GLU C 110 -2.12 9.83 -13.23
C GLU C 110 -0.67 9.40 -13.08
N LEU C 111 0.27 10.27 -13.44
CA LEU C 111 1.67 9.97 -13.21
C LEU C 111 2.00 9.96 -11.73
N ASN C 112 1.26 10.74 -10.94
CA ASN C 112 1.51 10.79 -9.51
C ASN C 112 1.13 9.49 -8.83
N LYS C 113 -0.04 8.93 -9.12
CA LYS C 113 -0.41 7.66 -8.53
C LYS C 113 0.27 6.51 -9.25
N LEU C 114 0.80 6.78 -10.46
CA LEU C 114 1.71 5.82 -11.08
C LEU C 114 2.97 5.65 -10.24
N LEU C 115 3.47 6.76 -9.70
CA LEU C 115 4.68 6.75 -8.89
C LEU C 115 4.37 7.09 -7.45
N GLY C 116 3.20 6.64 -6.97
CA GLY C 116 2.79 6.94 -5.61
C GLY C 116 3.67 6.28 -4.57
N ARG C 117 4.20 5.10 -4.88
CA ARG C 117 5.12 4.41 -4.00
C ARG C 117 6.57 4.64 -4.41
N VAL C 118 6.82 5.64 -5.23
CA VAL C 118 8.16 5.95 -5.70
C VAL C 118 8.63 7.24 -5.03
N THR C 119 9.81 7.20 -4.46
CA THR C 119 10.39 8.32 -3.75
C THR C 119 11.44 8.98 -4.64
N ILE C 120 11.51 10.30 -4.61
CA ILE C 120 12.33 11.08 -5.52
C ILE C 120 13.55 11.59 -4.76
N ALA C 121 14.70 11.63 -5.43
CA ALA C 121 15.89 12.23 -4.84
C ALA C 121 15.77 13.74 -4.82
N GLN C 122 15.95 14.33 -3.63
CA GLN C 122 15.95 15.79 -3.40
C GLN C 122 14.69 16.48 -3.88
N GLY C 123 13.57 15.78 -3.91
CA GLY C 123 12.35 16.39 -4.42
C GLY C 123 11.64 17.28 -3.44
N GLY C 124 11.77 17.00 -2.15
CA GLY C 124 10.96 17.71 -1.20
C GLY C 124 9.51 17.28 -1.32
N VAL C 125 8.60 18.22 -1.03
CA VAL C 125 7.16 17.99 -1.13
C VAL C 125 6.54 19.12 -1.92
N LEU C 126 5.30 18.89 -2.34
CA LEU C 126 4.51 20.00 -2.86
C LEU C 126 4.22 20.98 -1.74
N PRO C 127 4.26 22.29 -2.04
CA PRO C 127 3.89 23.28 -1.01
C PRO C 127 2.41 23.19 -0.70
N ASN C 128 2.10 22.66 0.49
CA ASN C 128 0.71 22.47 0.88
C ASN C 128 0.55 22.88 2.33
N ILE C 129 -0.33 23.84 2.57
CA ILE C 129 -0.82 24.14 3.91
C ILE C 129 -2.33 23.96 3.89
N GLN C 130 -2.87 23.39 4.97
CA GLN C 130 -4.30 23.25 5.06
C GLN C 130 -4.93 24.59 5.41
N ALA C 131 -6.09 24.85 4.83
CA ALA C 131 -6.78 26.12 5.08
C ALA C 131 -7.22 26.24 6.53
N VAL C 132 -7.53 25.11 7.17
CA VAL C 132 -7.82 25.12 8.60
C VAL C 132 -6.59 25.49 9.40
N LEU C 133 -5.39 25.17 8.93
CA LEU C 133 -4.18 25.61 9.58
C LEU C 133 -3.90 27.09 9.35
N LEU C 134 -4.45 27.65 8.29
CA LEU C 134 -4.26 29.06 8.01
C LEU C 134 -5.06 29.90 9.01
N PRO C 135 -4.53 31.07 9.40
CA PRO C 135 -5.23 31.91 10.37
C PRO C 135 -6.46 32.57 9.76
N LYS C 136 -7.24 33.21 10.63
CA LYS C 136 -8.45 33.93 10.24
C LYS C 136 -8.14 35.12 9.34
N LYS D 31 42.58 1.67 -17.25
CA LYS D 31 41.30 1.82 -17.92
C LYS D 31 40.28 0.93 -17.22
N ARG D 32 39.04 1.41 -17.09
CA ARG D 32 38.04 0.72 -16.28
C ARG D 32 36.87 0.27 -17.15
N SER D 33 35.98 -0.49 -16.52
CA SER D 33 34.89 -1.14 -17.24
C SER D 33 33.82 -0.14 -17.66
N ARG D 34 33.23 -0.38 -18.83
CA ARG D 34 32.14 0.45 -19.31
C ARG D 34 30.88 0.23 -18.47
N LYS D 35 30.28 1.32 -18.02
CA LYS D 35 28.99 1.27 -17.32
C LYS D 35 27.96 1.82 -18.30
N GLU D 36 27.07 0.95 -18.76
CA GLU D 36 26.07 1.34 -19.75
C GLU D 36 25.06 2.27 -19.12
N SER D 37 24.67 3.31 -19.86
CA SER D 37 23.86 4.38 -19.31
C SER D 37 22.79 4.77 -20.31
N TYR D 38 21.80 5.48 -19.81
CA TYR D 38 20.70 5.96 -20.64
C TYR D 38 20.82 7.45 -20.93
N SER D 39 21.99 8.02 -20.62
CA SER D 39 22.13 9.47 -20.57
C SER D 39 22.01 10.11 -21.95
N VAL D 40 22.68 9.55 -22.94
CA VAL D 40 22.75 10.19 -24.26
C VAL D 40 21.42 10.15 -24.98
N TYR D 41 20.65 9.08 -24.81
CA TYR D 41 19.42 8.93 -25.57
C TYR D 41 18.34 9.87 -25.04
N VAL D 42 18.20 9.92 -23.73
CA VAL D 42 17.25 10.83 -23.11
C VAL D 42 17.73 12.27 -23.25
N TYR D 43 19.06 12.44 -23.35
CA TYR D 43 19.61 13.75 -23.67
C TYR D 43 19.14 14.21 -25.05
N LYS D 44 19.16 13.31 -26.03
CA LYS D 44 18.63 13.63 -27.34
C LYS D 44 17.14 13.93 -27.27
N VAL D 45 16.40 13.16 -26.47
CA VAL D 45 14.96 13.35 -26.31
C VAL D 45 14.64 14.73 -25.76
N LEU D 46 15.35 15.13 -24.70
CA LEU D 46 15.16 16.45 -24.14
C LEU D 46 15.58 17.53 -25.12
N LYS D 47 16.57 17.24 -25.96
CA LYS D 47 16.90 18.16 -27.04
C LYS D 47 15.80 18.31 -28.09
N GLN D 48 14.99 17.28 -28.39
CA GLN D 48 13.85 17.61 -29.25
C GLN D 48 12.78 18.38 -28.47
N VAL D 49 12.49 17.98 -27.24
CA VAL D 49 11.32 18.57 -26.60
C VAL D 49 11.65 19.94 -26.01
N HIS D 50 12.91 20.17 -25.67
CA HIS D 50 13.36 21.48 -25.19
C HIS D 50 14.79 21.69 -25.65
N PRO D 51 14.98 22.23 -26.86
CA PRO D 51 16.35 22.50 -27.34
C PRO D 51 17.11 23.52 -26.50
N ASP D 52 16.39 24.34 -25.73
CA ASP D 52 16.99 25.44 -25.00
C ASP D 52 17.55 25.06 -23.64
N THR D 53 17.00 24.08 -22.96
CA THR D 53 17.26 23.88 -21.54
C THR D 53 18.42 22.93 -21.31
N GLY D 54 18.88 22.90 -20.05
CA GLY D 54 19.93 22.01 -19.61
C GLY D 54 19.44 20.95 -18.64
N ILE D 55 20.39 20.12 -18.21
CA ILE D 55 20.11 18.97 -17.35
C ILE D 55 21.18 18.90 -16.27
N SER D 56 20.77 18.53 -15.06
CA SER D 56 21.74 18.19 -14.04
C SER D 56 21.98 16.69 -14.04
N SER D 57 23.24 16.31 -13.78
CA SER D 57 23.66 14.93 -14.00
C SER D 57 23.04 13.97 -12.99
N LYS D 58 22.79 14.43 -11.77
CA LYS D 58 22.16 13.52 -10.82
C LYS D 58 20.67 13.37 -11.12
N ALA D 59 20.03 14.42 -11.61
CA ALA D 59 18.67 14.27 -12.13
C ALA D 59 18.68 13.40 -13.38
N MET D 60 19.77 13.43 -14.12
CA MET D 60 19.92 12.54 -15.27
C MET D 60 19.97 11.09 -14.79
N GLY D 61 20.66 10.85 -13.69
CA GLY D 61 20.65 9.53 -13.08
C GLY D 61 19.28 9.14 -12.55
N ILE D 62 18.52 10.13 -12.06
CA ILE D 62 17.13 9.89 -11.68
C ILE D 62 16.33 9.39 -12.87
N MET D 63 16.52 10.03 -14.02
CA MET D 63 15.87 9.57 -15.26
C MET D 63 16.30 8.16 -15.62
N ASN D 64 17.58 7.85 -15.45
CA ASN D 64 18.05 6.49 -15.73
C ASN D 64 17.39 5.47 -14.82
N SER D 65 17.27 5.80 -13.53
CA SER D 65 16.61 4.92 -12.58
C SER D 65 15.14 4.77 -12.92
N PHE D 66 14.50 5.85 -13.36
CA PHE D 66 13.11 5.81 -13.80
C PHE D 66 12.93 4.83 -14.94
N VAL D 67 13.77 4.95 -15.98
CA VAL D 67 13.64 4.12 -17.16
C VAL D 67 13.89 2.65 -16.81
N ASN D 68 14.94 2.39 -16.02
CA ASN D 68 15.25 1.03 -15.61
C ASN D 68 14.11 0.43 -14.79
N ASP D 69 13.52 1.22 -13.90
CA ASP D 69 12.49 0.72 -13.01
C ASP D 69 11.22 0.39 -13.77
N ILE D 70 10.76 1.30 -14.64
CA ILE D 70 9.51 1.03 -15.34
C ILE D 70 9.71 -0.07 -16.38
N PHE D 71 10.93 -0.17 -16.94
CA PHE D 71 11.26 -1.28 -17.81
C PHE D 71 11.17 -2.60 -17.06
N GLU D 72 11.72 -2.63 -15.85
CA GLU D 72 11.66 -3.83 -15.02
C GLU D 72 10.23 -4.22 -14.71
N ARG D 73 9.39 -3.23 -14.36
CA ARG D 73 7.98 -3.52 -14.09
C ARG D 73 7.29 -4.11 -15.30
N ILE D 74 7.34 -3.37 -16.43
CA ILE D 74 6.56 -3.72 -17.61
C ILE D 74 6.99 -5.07 -18.15
N ALA D 75 8.29 -5.37 -18.09
CA ALA D 75 8.77 -6.69 -18.49
C ALA D 75 8.33 -7.75 -17.48
N GLY D 76 8.15 -7.35 -16.22
CA GLY D 76 7.67 -8.28 -15.21
C GLY D 76 6.28 -8.81 -15.52
N GLU D 77 5.30 -7.91 -15.71
CA GLU D 77 3.97 -8.47 -15.97
C GLU D 77 3.89 -9.02 -17.37
N ALA D 78 4.74 -8.54 -18.30
CA ALA D 78 4.77 -9.14 -19.63
C ALA D 78 5.21 -10.60 -19.57
N SER D 79 6.27 -10.89 -18.82
CA SER D 79 6.74 -12.27 -18.66
C SER D 79 5.71 -13.11 -17.93
N ARG D 80 5.08 -12.55 -16.89
CA ARG D 80 4.07 -13.31 -16.15
C ARG D 80 2.87 -13.62 -17.03
N LEU D 81 2.45 -12.67 -17.86
CA LEU D 81 1.33 -12.89 -18.76
C LEU D 81 1.68 -13.92 -19.82
N ALA D 82 2.92 -13.90 -20.31
CA ALA D 82 3.35 -14.92 -21.26
C ALA D 82 3.34 -16.30 -20.62
N HIS D 83 3.67 -16.38 -19.33
CA HIS D 83 3.48 -17.64 -18.60
C HIS D 83 2.01 -18.02 -18.52
N TYR D 84 1.14 -17.05 -18.28
CA TYR D 84 -0.27 -17.36 -18.01
C TYR D 84 -0.96 -17.90 -19.24
N ASN D 85 -0.61 -17.37 -20.41
CA ASN D 85 -1.09 -17.90 -21.67
C ASN D 85 -0.15 -18.93 -22.27
N LYS D 86 0.90 -19.30 -21.52
CA LYS D 86 1.79 -20.41 -21.86
C LYS D 86 2.51 -20.15 -23.17
N ARG D 87 3.03 -18.94 -23.32
CA ARG D 87 3.68 -18.53 -24.56
C ARG D 87 5.18 -18.42 -24.34
N SER D 88 5.94 -19.02 -25.25
CA SER D 88 7.38 -19.06 -25.19
C SER D 88 8.03 -17.75 -25.61
N THR D 89 7.33 -16.90 -26.31
CA THR D 89 7.90 -15.73 -26.95
C THR D 89 7.22 -14.47 -26.41
N ILE D 90 8.00 -13.44 -26.10
CA ILE D 90 7.44 -12.17 -25.66
C ILE D 90 7.17 -11.32 -26.90
N THR D 91 5.90 -11.04 -27.16
CA THR D 91 5.49 -10.31 -28.36
C THR D 91 4.83 -8.99 -27.95
N SER D 92 4.59 -8.15 -28.96
CA SER D 92 4.16 -6.79 -28.69
C SER D 92 2.71 -6.71 -28.24
N ARG D 93 1.93 -7.77 -28.49
CA ARG D 93 0.52 -7.76 -28.11
C ARG D 93 0.37 -7.75 -26.60
N GLU D 94 1.10 -8.63 -25.91
CA GLU D 94 1.09 -8.57 -24.45
C GLU D 94 1.87 -7.37 -23.94
N ILE D 95 2.74 -6.78 -24.75
CA ILE D 95 3.40 -5.55 -24.31
C ILE D 95 2.39 -4.42 -24.23
N GLN D 96 1.56 -4.22 -25.26
CA GLN D 96 0.56 -3.17 -25.19
C GLN D 96 -0.51 -3.50 -24.17
N THR D 97 -0.81 -4.80 -24.00
CA THR D 97 -1.65 -5.23 -22.89
C THR D 97 -1.04 -4.80 -21.55
N ALA D 98 0.28 -4.91 -21.41
CA ALA D 98 0.95 -4.55 -20.18
C ALA D 98 0.97 -3.03 -19.98
N VAL D 99 1.06 -2.29 -21.09
CA VAL D 99 1.03 -0.83 -21.01
C VAL D 99 -0.30 -0.36 -20.46
N ARG D 100 -1.39 -0.84 -21.05
CA ARG D 100 -2.70 -0.45 -20.55
C ARG D 100 -3.03 -1.18 -19.25
N LEU D 101 -2.24 -2.18 -18.89
CA LEU D 101 -2.30 -2.74 -17.55
C LEU D 101 -1.75 -1.78 -16.52
N LEU D 102 -0.58 -1.18 -16.77
CA LEU D 102 0.00 -0.28 -15.79
C LEU D 102 -0.41 1.17 -16.04
N LEU D 103 -0.10 1.69 -17.22
CA LEU D 103 -0.24 3.12 -17.50
C LEU D 103 -1.72 3.49 -17.59
N PRO D 104 -2.12 4.60 -16.96
CA PRO D 104 -3.55 4.91 -16.87
C PRO D 104 -4.09 5.68 -18.06
N GLY D 105 -5.20 5.16 -18.61
CA GLY D 105 -6.12 5.89 -19.47
C GLY D 105 -5.61 6.56 -20.73
N GLU D 106 -5.72 7.89 -20.78
CA GLU D 106 -5.31 8.62 -21.97
C GLU D 106 -3.81 8.52 -22.20
N LEU D 107 -3.03 8.45 -21.13
CA LEU D 107 -1.60 8.19 -21.26
C LEU D 107 -1.36 6.84 -21.92
N ALA D 108 -2.15 5.83 -21.50
CA ALA D 108 -2.04 4.50 -22.08
C ALA D 108 -2.37 4.49 -23.56
N LYS D 109 -3.47 5.15 -23.95
CA LYS D 109 -3.85 5.11 -25.36
C LYS D 109 -2.94 5.99 -26.21
N HIS D 110 -2.36 7.04 -25.62
CA HIS D 110 -1.33 7.80 -26.33
C HIS D 110 -0.12 6.93 -26.61
N ALA D 111 0.37 6.23 -25.58
CA ALA D 111 1.51 5.32 -25.73
C ALA D 111 1.19 4.22 -26.73
N VAL D 112 -0.06 3.76 -26.73
CA VAL D 112 -0.52 2.78 -27.71
C VAL D 112 -0.39 3.36 -29.12
N SER D 113 -0.76 4.63 -29.29
CA SER D 113 -0.68 5.27 -30.60
C SER D 113 0.76 5.36 -31.10
N GLU D 114 1.67 5.88 -30.27
CA GLU D 114 3.05 6.05 -30.74
C GLU D 114 3.72 4.69 -30.94
N GLY D 115 3.47 3.75 -30.05
CA GLY D 115 4.03 2.42 -30.22
C GLY D 115 3.51 1.74 -31.46
N THR D 116 2.21 1.91 -31.74
CA THR D 116 1.61 1.29 -32.92
C THR D 116 2.19 1.85 -34.20
N LYS D 117 2.33 3.19 -34.28
CA LYS D 117 2.91 3.76 -35.48
C LYS D 117 4.38 3.40 -35.62
N ALA D 118 5.09 3.25 -34.50
CA ALA D 118 6.48 2.82 -34.57
C ALA D 118 6.60 1.38 -35.05
N VAL D 119 5.70 0.51 -34.60
CA VAL D 119 5.69 -0.87 -35.07
C VAL D 119 5.36 -0.93 -36.55
N THR D 120 4.48 -0.06 -37.02
CA THR D 120 4.21 -0.02 -38.46
C THR D 120 5.43 0.50 -39.23
N LYS D 121 6.14 1.47 -38.66
CA LYS D 121 7.34 1.98 -39.32
C LYS D 121 8.43 0.91 -39.41
N TYR D 122 8.64 0.16 -38.34
CA TYR D 122 9.63 -0.91 -38.40
C TYR D 122 9.12 -2.07 -39.25
N THR D 123 7.81 -2.24 -39.32
CA THR D 123 7.22 -3.21 -40.24
C THR D 123 7.53 -2.83 -41.68
N SER D 124 7.48 -1.53 -41.99
CA SER D 124 7.94 -1.01 -43.26
C SER D 124 9.45 -0.80 -43.29
N ALA D 125 10.15 -1.16 -42.20
CA ALA D 125 11.60 -1.07 -42.07
C ALA D 125 12.15 0.33 -42.33
N LYS E 38 10.34 48.40 23.41
CA LYS E 38 9.69 47.11 23.55
C LYS E 38 10.24 46.12 22.52
N PRO E 39 10.71 44.97 22.99
CA PRO E 39 11.26 43.97 22.06
C PRO E 39 10.17 43.33 21.22
N HIS E 40 10.48 43.15 19.94
CA HIS E 40 9.53 42.55 19.01
C HIS E 40 9.33 41.08 19.30
N ARG E 41 8.09 40.63 19.13
CA ARG E 41 7.78 39.20 19.20
C ARG E 41 6.53 38.95 18.38
N TYR E 42 6.59 37.97 17.48
CA TYR E 42 5.44 37.58 16.68
C TYR E 42 4.48 36.75 17.51
N ARG E 43 3.21 36.75 17.10
CA ARG E 43 2.24 35.87 17.72
C ARG E 43 2.52 34.43 17.30
N PRO E 44 2.16 33.46 18.15
CA PRO E 44 2.52 32.06 17.87
C PRO E 44 1.89 31.52 16.60
N GLY E 45 2.64 30.69 15.89
CA GLY E 45 2.20 30.08 14.66
C GLY E 45 2.57 30.85 13.41
N THR E 46 2.70 32.18 13.52
CA THR E 46 3.06 33.00 12.37
C THR E 46 4.46 32.69 11.88
N VAL E 47 5.43 32.72 12.80
CA VAL E 47 6.79 32.29 12.49
C VAL E 47 6.78 30.85 12.05
N ALA E 48 6.01 30.00 12.74
CA ALA E 48 5.91 28.58 12.42
C ALA E 48 5.48 28.37 10.97
N LEU E 49 4.39 29.05 10.57
CA LEU E 49 3.90 28.99 9.20
C LEU E 49 4.96 29.48 8.22
N ARG E 50 5.79 30.44 8.65
CA ARG E 50 6.90 30.81 7.79
C ARG E 50 7.91 29.67 7.64
N GLU E 51 8.14 28.84 8.67
CA GLU E 51 9.02 27.70 8.38
C GLU E 51 8.32 26.63 7.54
N ILE E 52 6.99 26.47 7.66
CA ILE E 52 6.32 25.58 6.69
C ILE E 52 6.55 26.09 5.25
N ARG E 53 6.42 27.39 5.04
CA ARG E 53 6.69 27.96 3.72
C ARG E 53 8.14 27.71 3.29
N ARG E 54 9.08 27.93 4.20
CA ARG E 54 10.50 27.79 3.87
C ARG E 54 10.86 26.34 3.56
N TYR E 55 10.48 25.43 4.45
CA TYR E 55 10.90 24.05 4.32
C TYR E 55 10.12 23.30 3.25
N GLN E 56 8.88 23.69 2.96
CA GLN E 56 8.23 23.19 1.77
C GLN E 56 8.84 23.79 0.51
N LYS E 57 9.40 24.99 0.61
CA LYS E 57 10.14 25.54 -0.52
C LYS E 57 11.49 24.84 -0.66
N SER E 58 12.14 24.51 0.45
CA SER E 58 13.46 23.89 0.39
C SER E 58 13.35 22.41 0.07
N THR E 59 14.47 21.85 -0.37
CA THR E 59 14.54 20.45 -0.79
C THR E 59 15.56 19.62 -0.02
N GLU E 60 16.42 20.24 0.79
CA GLU E 60 17.57 19.54 1.32
C GLU E 60 17.21 18.74 2.56
N LEU E 61 18.19 17.96 3.03
CA LEU E 61 18.00 17.18 4.25
C LEU E 61 17.92 18.10 5.46
N LEU E 62 17.05 17.73 6.41
CA LEU E 62 16.80 18.56 7.56
C LEU E 62 17.54 18.11 8.81
N ILE E 63 18.16 16.94 8.79
CA ILE E 63 18.87 16.43 9.95
C ILE E 63 20.36 16.47 9.69
N ARG E 64 21.15 16.49 10.77
CA ARG E 64 22.59 16.47 10.64
C ARG E 64 23.07 15.08 10.25
N LYS E 65 23.95 15.03 9.24
CA LYS E 65 24.30 13.76 8.62
C LYS E 65 25.16 12.88 9.53
N LEU E 66 26.00 13.50 10.35
CA LEU E 66 26.97 12.71 11.11
C LEU E 66 26.31 11.99 12.29
N PRO E 67 25.43 12.62 13.09
CA PRO E 67 24.66 11.79 14.06
C PRO E 67 23.79 10.74 13.38
N PHE E 68 23.31 11.04 12.18
CA PHE E 68 22.52 10.04 11.46
C PHE E 68 23.36 8.82 11.12
N GLN E 69 24.56 9.01 10.57
CA GLN E 69 25.39 7.87 10.23
C GLN E 69 25.91 7.19 11.49
N ARG E 70 26.02 7.94 12.59
CA ARG E 70 26.29 7.32 13.89
C ARG E 70 25.18 6.33 14.25
N LEU E 71 23.92 6.74 14.08
CA LEU E 71 22.80 5.83 14.30
C LEU E 71 22.85 4.64 13.35
N VAL E 72 23.21 4.89 12.10
CA VAL E 72 23.25 3.83 11.10
C VAL E 72 24.30 2.79 11.47
N ARG E 73 25.49 3.24 11.89
CA ARG E 73 26.53 2.30 12.29
C ARG E 73 26.16 1.60 13.59
N GLU E 74 25.43 2.30 14.47
CA GLU E 74 24.95 1.69 15.70
C GLU E 74 24.00 0.52 15.41
N ILE E 75 23.05 0.74 14.51
CA ILE E 75 22.08 -0.31 14.19
C ILE E 75 22.74 -1.41 13.37
N ALA E 76 23.68 -1.04 12.51
CA ALA E 76 24.37 -2.02 11.68
C ALA E 76 25.25 -2.94 12.51
N GLN E 77 25.88 -2.39 13.55
CA GLN E 77 26.66 -3.20 14.48
C GLN E 77 25.78 -4.21 15.22
N ASP E 78 24.51 -3.88 15.43
CA ASP E 78 23.58 -4.79 16.07
C ASP E 78 23.23 -6.00 15.20
N PHE E 79 23.59 -5.99 13.92
CA PHE E 79 23.38 -7.12 13.04
C PHE E 79 24.65 -7.91 12.77
N LYS E 80 25.71 -7.25 12.30
CA LYS E 80 26.98 -7.92 12.11
C LYS E 80 28.08 -6.86 12.23
N THR E 81 29.27 -7.28 12.62
CA THR E 81 30.36 -6.36 12.94
C THR E 81 30.97 -5.76 11.68
N ASP E 82 31.87 -4.79 11.91
CA ASP E 82 32.81 -4.18 10.93
C ASP E 82 32.17 -3.84 9.59
N LEU E 83 30.94 -3.36 9.60
CA LEU E 83 30.29 -2.98 8.35
C LEU E 83 30.79 -1.62 7.87
N ARG E 84 31.08 -1.55 6.58
CA ARG E 84 31.61 -0.34 5.97
C ARG E 84 30.61 0.22 4.98
N PHE E 85 30.63 1.54 4.81
CA PHE E 85 29.51 2.25 4.23
C PHE E 85 29.96 3.17 3.11
N GLN E 86 29.24 3.13 2.00
CA GLN E 86 29.29 4.21 1.03
C GLN E 86 28.56 5.42 1.60
N SER E 87 29.11 6.61 1.36
CA SER E 87 28.46 7.84 1.80
C SER E 87 27.13 8.03 1.09
N SER E 88 27.08 7.67 -0.20
CA SER E 88 25.83 7.74 -0.96
C SER E 88 24.78 6.80 -0.38
N ALA E 89 25.20 5.63 0.12
CA ALA E 89 24.27 4.73 0.78
C ALA E 89 23.66 5.38 2.03
N VAL E 90 24.50 6.09 2.80
CA VAL E 90 24.01 6.79 3.98
C VAL E 90 23.05 7.89 3.58
N MET E 91 23.35 8.61 2.51
CA MET E 91 22.47 9.67 2.05
C MET E 91 21.13 9.11 1.57
N ALA E 92 21.16 7.96 0.89
CA ALA E 92 19.93 7.32 0.46
C ALA E 92 19.09 6.88 1.64
N LEU E 93 19.73 6.30 2.66
CA LEU E 93 19.02 5.94 3.89
C LEU E 93 18.41 7.17 4.54
N GLN E 94 19.18 8.26 4.58
CA GLN E 94 18.72 9.49 5.19
C GLN E 94 17.49 10.04 4.49
N GLU E 95 17.54 10.11 3.17
CA GLU E 95 16.45 10.74 2.44
C GLU E 95 15.21 9.85 2.45
N ALA E 96 15.41 8.53 2.32
CA ALA E 96 14.27 7.62 2.40
C ALA E 96 13.63 7.64 3.77
N SER E 97 14.45 7.71 4.82
CA SER E 97 13.93 7.77 6.19
C SER E 97 13.12 9.04 6.41
N GLU E 98 13.66 10.19 6.00
CA GLU E 98 12.92 11.43 6.20
C GLU E 98 11.70 11.49 5.30
N ALA E 99 11.73 10.80 4.16
CA ALA E 99 10.56 10.75 3.29
C ALA E 99 9.43 9.96 3.95
N TYR E 100 9.74 8.79 4.50
CA TYR E 100 8.74 8.02 5.23
C TYR E 100 8.21 8.81 6.41
N LEU E 101 9.10 9.49 7.14
CA LEU E 101 8.68 10.27 8.29
C LEU E 101 7.80 11.44 7.88
N VAL E 102 8.17 12.17 6.81
CA VAL E 102 7.39 13.34 6.43
C VAL E 102 6.04 12.92 5.89
N GLY E 103 5.97 11.74 5.25
CA GLY E 103 4.69 11.18 4.86
C GLY E 103 3.81 10.90 6.07
N LEU E 104 4.41 10.34 7.12
CA LEU E 104 3.72 10.23 8.39
C LEU E 104 3.31 11.59 8.94
N PHE E 105 4.08 12.63 8.63
CA PHE E 105 3.70 13.96 9.11
C PHE E 105 2.45 14.50 8.44
N GLU E 106 2.26 14.35 7.12
CA GLU E 106 0.96 14.83 6.61
C GLU E 106 -0.15 13.89 7.03
N ASP E 107 0.18 12.61 7.26
CA ASP E 107 -0.82 11.70 7.81
C ASP E 107 -1.28 12.17 9.18
N THR E 108 -0.33 12.59 10.01
CA THR E 108 -0.63 13.09 11.34
C THR E 108 -1.37 14.41 11.28
N ASN E 109 -1.03 15.26 10.31
CA ASN E 109 -1.74 16.52 10.14
C ASN E 109 -3.20 16.29 9.79
N LEU E 110 -3.47 15.37 8.86
CA LEU E 110 -4.84 15.04 8.50
C LEU E 110 -5.57 14.40 9.67
N ALA E 111 -4.85 13.61 10.47
CA ALA E 111 -5.46 13.04 11.68
C ALA E 111 -5.82 14.13 12.69
N ALA E 112 -4.95 15.12 12.85
CA ALA E 112 -5.20 16.16 13.85
C ALA E 112 -6.34 17.06 13.44
N ILE E 113 -6.37 17.47 12.16
CA ILE E 113 -7.48 18.30 11.71
C ILE E 113 -8.75 17.47 11.61
N HIS E 114 -8.59 16.15 11.47
CA HIS E 114 -9.74 15.26 11.52
C HIS E 114 -10.40 15.28 12.89
N ALA E 115 -9.59 15.33 13.94
CA ALA E 115 -10.10 15.53 15.29
C ALA E 115 -10.26 16.98 15.64
N LYS E 116 -10.30 17.86 14.64
CA LYS E 116 -10.54 19.30 14.78
C LYS E 116 -9.48 19.98 15.62
N ARG E 117 -8.27 19.45 15.60
CA ARG E 117 -7.16 19.99 16.37
C ARG E 117 -6.05 20.46 15.44
N VAL E 118 -5.18 21.30 15.97
CA VAL E 118 -3.96 21.70 15.28
C VAL E 118 -2.70 21.23 16.00
N THR E 119 -2.81 20.78 17.24
CA THR E 119 -1.68 20.20 17.96
C THR E 119 -1.74 18.69 17.83
N ILE E 120 -0.61 18.10 17.49
CA ILE E 120 -0.53 16.65 17.28
C ILE E 120 -0.16 15.98 18.59
N MET E 121 -0.76 14.82 18.82
CA MET E 121 -0.45 13.93 19.93
C MET E 121 -0.16 12.55 19.36
N PRO E 122 0.64 11.73 20.06
CA PRO E 122 1.14 10.48 19.46
C PRO E 122 0.08 9.49 19.02
N LYS E 123 -1.11 9.56 19.60
CA LYS E 123 -2.21 8.69 19.18
C LYS E 123 -2.54 8.87 17.71
N ASP E 124 -2.34 10.09 17.18
CA ASP E 124 -2.45 10.32 15.74
C ASP E 124 -1.46 9.46 14.98
N ILE E 125 -0.23 9.35 15.47
CA ILE E 125 0.80 8.59 14.77
C ILE E 125 0.52 7.10 14.84
N GLN E 126 0.07 6.59 16.00
CA GLN E 126 -0.29 5.17 16.04
C GLN E 126 -1.49 4.87 15.14
N LEU E 127 -2.47 5.76 15.08
CA LEU E 127 -3.58 5.59 14.15
C LEU E 127 -3.08 5.60 12.70
N ALA E 128 -2.14 6.48 12.39
CA ALA E 128 -1.59 6.56 11.04
C ALA E 128 -0.85 5.30 10.67
N ARG E 129 -0.10 4.74 11.61
CA ARG E 129 0.60 3.49 11.36
C ARG E 129 -0.39 2.34 11.18
N ARG E 130 -1.49 2.36 11.92
CA ARG E 130 -2.41 1.24 11.82
C ARG E 130 -3.21 1.29 10.52
N ILE E 131 -3.62 2.48 10.08
CA ILE E 131 -4.25 2.58 8.77
C ILE E 131 -3.25 2.27 7.67
N ARG E 132 -1.98 2.65 7.86
CA ARG E 132 -0.96 2.30 6.87
C ARG E 132 -0.61 0.82 6.92
N GLY E 133 -1.02 0.10 7.95
CA GLY E 133 -0.83 -1.33 7.98
C GLY E 133 0.34 -1.81 8.80
N GLU E 134 0.64 -1.17 9.92
CA GLU E 134 1.69 -1.64 10.81
C GLU E 134 1.37 -1.29 12.26
N LYS F 21 34.57 2.80 20.03
CA LYS F 21 34.22 1.76 19.07
C LYS F 21 32.72 1.48 19.08
N VAL F 22 32.19 1.11 20.23
CA VAL F 22 30.77 0.81 20.34
C VAL F 22 29.98 2.11 20.49
N LEU F 23 28.67 2.00 20.27
CA LEU F 23 27.76 3.13 20.38
C LEU F 23 26.55 2.71 21.20
N ARG F 24 26.14 3.58 22.12
CA ARG F 24 25.09 3.22 23.06
C ARG F 24 23.85 4.09 22.94
N ASP F 25 24.00 5.36 22.57
CA ASP F 25 22.85 6.27 22.47
C ASP F 25 23.16 7.32 21.40
N ASN F 26 22.66 7.08 20.19
CA ASN F 26 22.68 8.09 19.16
C ASN F 26 21.27 8.48 18.70
N ILE F 27 20.24 7.81 19.22
CA ILE F 27 18.87 8.15 18.86
C ILE F 27 18.51 9.53 19.39
N GLN F 28 19.16 9.97 20.47
CA GLN F 28 19.00 11.33 20.92
C GLN F 28 19.73 12.33 20.05
N GLY F 29 20.58 11.86 19.14
CA GLY F 29 21.13 12.71 18.10
C GLY F 29 20.12 13.22 17.10
N ILE F 30 18.93 12.63 17.07
CA ILE F 30 17.80 13.19 16.32
C ILE F 30 17.26 14.31 17.18
N THR F 31 17.76 15.53 16.91
CA THR F 31 17.49 16.65 17.79
C THR F 31 16.05 17.14 17.65
N LYS F 32 15.58 17.79 18.70
CA LYS F 32 14.28 18.47 18.69
C LYS F 32 14.11 19.46 17.53
N PRO F 33 15.07 20.34 17.20
CA PRO F 33 14.88 21.16 16.00
C PRO F 33 14.83 20.37 14.71
N ALA F 34 15.54 19.24 14.63
CA ALA F 34 15.46 18.41 13.42
C ALA F 34 14.08 17.80 13.26
N ILE F 35 13.52 17.30 14.36
CA ILE F 35 12.15 16.78 14.36
C ILE F 35 11.17 17.87 13.99
N ARG F 36 11.41 19.09 14.50
CA ARG F 36 10.53 20.20 14.18
C ARG F 36 10.66 20.60 12.71
N ARG F 37 11.86 20.50 12.15
CA ARG F 37 12.05 20.78 10.73
C ARG F 37 11.29 19.78 9.86
N LEU F 38 11.35 18.49 10.24
CA LEU F 38 10.56 17.49 9.54
C LEU F 38 9.08 17.76 9.68
N ALA F 39 8.65 18.28 10.83
CA ALA F 39 7.27 18.67 11.02
C ALA F 39 6.88 19.84 10.12
N ARG F 40 7.78 20.81 9.98
CA ARG F 40 7.50 21.97 9.12
C ARG F 40 7.41 21.56 7.66
N ARG F 41 8.29 20.66 7.22
CA ARG F 41 8.15 20.12 5.87
C ARG F 41 6.91 19.25 5.76
N GLY F 42 6.49 18.62 6.85
CA GLY F 42 5.19 18.00 6.90
C GLY F 42 4.04 18.95 7.10
N GLY F 43 4.31 20.23 7.33
CA GLY F 43 3.27 21.21 7.49
C GLY F 43 2.59 21.22 8.84
N VAL F 44 3.27 20.80 9.89
CA VAL F 44 2.67 20.72 11.22
C VAL F 44 2.76 22.09 11.87
N LYS F 45 1.65 22.53 12.47
CA LYS F 45 1.63 23.78 13.22
C LYS F 45 2.13 23.64 14.65
N ARG F 46 1.54 22.72 15.43
CA ARG F 46 1.82 22.64 16.85
C ARG F 46 2.13 21.20 17.22
N ILE F 47 3.18 21.02 18.01
CA ILE F 47 3.75 19.70 18.26
C ILE F 47 3.84 19.50 19.76
N SER F 48 3.29 18.38 20.24
CA SER F 48 3.46 18.05 21.65
C SER F 48 4.87 17.52 21.90
N GLY F 49 5.26 17.52 23.18
CA GLY F 49 6.55 16.97 23.54
C GLY F 49 6.61 15.46 23.43
N LEU F 50 5.47 14.78 23.55
CA LEU F 50 5.41 13.33 23.50
C LEU F 50 5.55 12.78 22.09
N ILE F 51 5.49 13.65 21.08
CA ILE F 51 5.72 13.25 19.69
C ILE F 51 7.14 12.73 19.52
N TYR F 52 8.07 13.26 20.31
CA TYR F 52 9.50 13.18 20.00
C TYR F 52 10.02 11.77 20.17
N GLU F 53 9.72 11.15 21.32
CA GLU F 53 10.27 9.84 21.65
C GLU F 53 9.64 8.75 20.80
N GLU F 54 8.32 8.79 20.62
CA GLU F 54 7.66 7.82 19.75
C GLU F 54 8.05 8.01 18.30
N THR F 55 8.30 9.26 17.90
CA THR F 55 8.81 9.52 16.55
C THR F 55 10.18 8.89 16.36
N ARG F 56 11.05 9.04 17.37
CA ARG F 56 12.35 8.39 17.34
C ARG F 56 12.20 6.87 17.25
N GLY F 57 11.29 6.31 18.03
CA GLY F 57 11.08 4.87 18.00
C GLY F 57 10.59 4.38 16.65
N VAL F 58 9.62 5.10 16.06
CA VAL F 58 9.06 4.70 14.77
C VAL F 58 10.13 4.77 13.69
N LEU F 59 10.91 5.86 13.68
CA LEU F 59 11.93 6.02 12.66
C LEU F 59 13.01 4.97 12.81
N LYS F 60 13.43 4.68 14.04
CA LYS F 60 14.51 3.71 14.20
C LYS F 60 14.02 2.31 13.83
N VAL F 61 12.77 1.99 14.18
CA VAL F 61 12.19 0.68 13.85
C VAL F 61 12.15 0.49 12.34
N PHE F 62 11.73 1.54 11.63
CA PHE F 62 11.85 1.56 10.17
C PHE F 62 13.30 1.33 9.73
N LEU F 63 14.25 1.90 10.47
CA LEU F 63 15.65 1.78 10.08
C LEU F 63 16.16 0.35 10.22
N GLU F 64 15.82 -0.38 11.30
CA GLU F 64 16.33 -1.76 11.30
C GLU F 64 15.56 -2.62 10.31
N ASN F 65 14.29 -2.28 10.07
CA ASN F 65 13.52 -3.01 9.06
C ASN F 65 14.17 -2.92 7.69
N VAL F 66 14.69 -1.75 7.34
CA VAL F 66 15.34 -1.63 6.03
C VAL F 66 16.80 -2.13 6.09
N ILE F 67 17.48 -1.94 7.22
CA ILE F 67 18.92 -2.17 7.19
C ILE F 67 19.21 -3.65 7.40
N ARG F 68 18.28 -4.40 8.01
CA ARG F 68 18.39 -5.85 8.09
C ARG F 68 18.39 -6.45 6.70
N ASP F 69 17.47 -5.97 5.87
CA ASP F 69 17.38 -6.44 4.50
C ASP F 69 18.63 -6.04 3.72
N ALA F 70 19.07 -4.80 3.92
CA ALA F 70 20.24 -4.30 3.21
C ALA F 70 21.51 -5.08 3.59
N VAL F 71 21.68 -5.37 4.88
CA VAL F 71 22.88 -6.11 5.26
C VAL F 71 22.79 -7.52 4.74
N THR F 72 21.60 -8.15 4.80
CA THR F 72 21.43 -9.50 4.27
C THR F 72 21.79 -9.56 2.79
N TYR F 73 21.49 -8.48 2.06
CA TYR F 73 22.05 -8.32 0.71
C TYR F 73 23.57 -8.22 0.75
N THR F 74 24.13 -7.55 1.76
CA THR F 74 25.57 -7.28 1.74
C THR F 74 26.39 -8.56 1.99
N GLU F 75 26.06 -9.34 3.03
CA GLU F 75 26.75 -10.63 3.13
C GLU F 75 26.28 -11.60 2.04
N HIS F 76 25.10 -11.35 1.44
CA HIS F 76 24.77 -12.06 0.23
C HIS F 76 25.75 -11.76 -0.90
N ALA F 77 26.25 -10.54 -0.94
CA ALA F 77 27.31 -10.23 -1.91
C ALA F 77 28.68 -10.65 -1.43
N LYS F 78 28.77 -11.33 -0.29
CA LYS F 78 30.03 -11.72 0.37
C LYS F 78 30.91 -10.51 0.69
N ARG F 79 30.30 -9.36 0.91
CA ARG F 79 31.04 -8.14 1.19
C ARG F 79 30.89 -7.75 2.66
N LYS F 80 31.93 -7.11 3.18
CA LYS F 80 31.87 -6.44 4.47
C LYS F 80 31.75 -4.94 4.33
N THR F 81 31.60 -4.44 3.11
CA THR F 81 31.30 -3.04 2.85
C THR F 81 29.93 -2.94 2.20
N VAL F 82 29.06 -2.14 2.79
CA VAL F 82 27.67 -2.02 2.31
C VAL F 82 27.62 -0.97 1.22
N THR F 83 27.03 -1.36 0.08
CA THR F 83 26.89 -0.46 -1.06
C THR F 83 25.49 0.10 -1.15
N ALA F 84 25.35 1.15 -1.96
CA ALA F 84 24.06 1.78 -2.17
C ALA F 84 23.11 0.86 -2.93
N MET F 85 23.66 -0.07 -3.71
CA MET F 85 22.82 -1.01 -4.45
C MET F 85 22.02 -1.90 -3.51
N ASP F 86 22.66 -2.37 -2.44
CA ASP F 86 21.96 -3.17 -1.43
C ASP F 86 20.85 -2.37 -0.77
N VAL F 87 21.12 -1.09 -0.48
CA VAL F 87 20.12 -0.19 0.07
C VAL F 87 18.94 -0.08 -0.87
N VAL F 88 19.21 0.08 -2.17
CA VAL F 88 18.17 0.25 -3.18
C VAL F 88 17.32 -1.01 -3.25
N TYR F 89 17.97 -2.17 -3.25
CA TYR F 89 17.25 -3.45 -3.33
C TYR F 89 16.35 -3.62 -2.12
N ALA F 90 16.88 -3.29 -0.93
CA ALA F 90 16.13 -3.44 0.31
C ALA F 90 14.93 -2.50 0.35
N LEU F 91 15.11 -1.25 -0.07
CA LEU F 91 14.03 -0.29 0.03
C LEU F 91 12.92 -0.58 -0.97
N LYS F 92 13.27 -0.95 -2.21
CA LYS F 92 12.18 -1.21 -3.15
C LYS F 92 11.60 -2.60 -2.96
N ARG F 93 12.28 -3.45 -2.18
CA ARG F 93 11.63 -4.65 -1.68
C ARG F 93 10.43 -4.28 -0.81
N GLN F 94 10.60 -3.29 0.07
CA GLN F 94 9.52 -2.85 0.94
C GLN F 94 8.57 -1.86 0.26
N GLY F 95 8.59 -1.78 -1.07
CA GLY F 95 7.68 -0.92 -1.80
C GLY F 95 7.91 0.55 -1.60
N ARG F 96 9.15 0.97 -1.39
CA ARG F 96 9.48 2.34 -1.06
C ARG F 96 10.52 2.88 -2.02
N THR F 97 10.26 2.67 -3.32
CA THR F 97 11.23 2.82 -4.39
C THR F 97 11.80 4.24 -4.46
N LEU F 98 13.12 4.34 -4.56
CA LEU F 98 13.85 5.60 -4.56
C LEU F 98 14.63 5.72 -5.85
N TYR F 99 14.60 6.91 -6.43
CA TYR F 99 15.40 7.24 -7.59
C TYR F 99 16.56 8.12 -7.15
N GLY F 100 17.59 8.20 -8.00
CA GLY F 100 18.73 9.05 -7.72
C GLY F 100 19.96 8.33 -7.22
N PHE F 101 19.88 7.03 -6.97
CA PHE F 101 21.02 6.30 -6.46
C PHE F 101 21.27 5.00 -7.23
N GLY F 102 20.26 4.50 -7.94
CA GLY F 102 20.46 3.32 -8.75
C GLY F 102 21.33 3.61 -9.96
N GLY F 103 22.25 2.70 -10.22
CA GLY F 103 23.16 2.83 -11.34
C GLY F 103 24.43 3.58 -10.99
N ALA G 28 21.02 -53.88 -14.73
CA ALA G 28 21.41 -52.96 -15.80
C ALA G 28 21.35 -51.52 -15.30
N ARG G 29 20.33 -51.20 -14.51
CA ARG G 29 20.16 -49.87 -13.96
C ARG G 29 19.66 -49.98 -12.53
N ALA G 30 20.09 -49.03 -11.69
CA ALA G 30 19.56 -48.95 -10.34
C ALA G 30 18.09 -48.59 -10.37
N LYS G 31 17.36 -49.10 -9.37
CA LYS G 31 15.94 -48.79 -9.22
C LYS G 31 15.78 -47.31 -8.91
N ALA G 32 14.78 -46.69 -9.52
CA ALA G 32 14.59 -45.25 -9.39
C ALA G 32 14.12 -44.89 -7.99
N LYS G 33 14.86 -43.98 -7.35
CA LYS G 33 14.60 -43.59 -5.98
C LYS G 33 14.30 -42.10 -5.98
N THR G 34 13.28 -41.69 -5.24
CA THR G 34 12.80 -40.33 -5.32
C THR G 34 13.67 -39.39 -4.49
N ARG G 35 13.86 -38.18 -5.02
CA ARG G 35 14.67 -37.17 -4.35
C ARG G 35 13.99 -36.62 -3.11
N SER G 36 12.65 -36.64 -3.08
CA SER G 36 11.93 -36.20 -1.89
C SER G 36 12.19 -37.14 -0.73
N SER G 37 12.29 -38.45 -1.01
CA SER G 37 12.70 -39.40 0.01
C SER G 37 14.16 -39.20 0.39
N ARG G 38 14.99 -38.77 -0.57
CA ARG G 38 16.39 -38.49 -0.27
C ARG G 38 16.51 -37.33 0.70
N ALA G 39 15.65 -36.33 0.55
CA ALA G 39 15.54 -35.27 1.55
C ALA G 39 14.62 -35.65 2.69
N GLY G 40 13.95 -36.80 2.60
CA GLY G 40 12.99 -37.19 3.61
C GLY G 40 11.79 -36.28 3.70
N LEU G 41 11.32 -35.77 2.57
CA LEU G 41 10.29 -34.74 2.56
C LEU G 41 9.07 -35.22 1.80
N GLN G 42 7.98 -34.46 1.92
CA GLN G 42 6.72 -34.81 1.30
C GLN G 42 6.52 -34.12 -0.03
N PHE G 43 7.07 -32.92 -0.19
CA PHE G 43 6.82 -32.17 -1.41
C PHE G 43 7.70 -32.67 -2.55
N PRO G 44 7.16 -32.67 -3.78
CA PRO G 44 7.89 -33.26 -4.92
C PRO G 44 9.06 -32.40 -5.36
N VAL G 45 10.28 -32.91 -5.16
CA VAL G 45 11.48 -32.20 -5.55
C VAL G 45 11.55 -32.06 -7.07
N GLY G 46 11.23 -33.12 -7.79
CA GLY G 46 11.29 -33.07 -9.25
C GLY G 46 10.29 -32.10 -9.83
N ARG G 47 9.07 -32.06 -9.26
CA ARG G 47 8.05 -31.14 -9.75
C ARG G 47 8.46 -29.70 -9.55
N VAL G 48 8.93 -29.35 -8.35
CA VAL G 48 9.29 -27.96 -8.09
C VAL G 48 10.54 -27.57 -8.85
N HIS G 49 11.42 -28.54 -9.10
CA HIS G 49 12.58 -28.30 -9.95
C HIS G 49 12.14 -27.98 -11.37
N ARG G 50 11.18 -28.74 -11.89
CA ARG G 50 10.62 -28.47 -13.22
C ARG G 50 9.93 -27.12 -13.26
N LEU G 51 9.21 -26.76 -12.18
CA LEU G 51 8.53 -25.47 -12.12
C LEU G 51 9.53 -24.33 -12.12
N LEU G 52 10.63 -24.49 -11.38
CA LEU G 52 11.66 -23.45 -11.36
C LEU G 52 12.33 -23.33 -12.72
N ARG G 53 12.56 -24.46 -13.39
CA ARG G 53 13.17 -24.41 -14.73
C ARG G 53 12.23 -23.76 -15.74
N LYS G 54 10.95 -24.07 -15.68
CA LYS G 54 9.98 -23.54 -16.62
C LYS G 54 9.30 -22.28 -16.12
N GLY G 55 9.61 -21.83 -14.91
CA GLY G 55 9.14 -20.52 -14.48
C GLY G 55 9.98 -19.39 -14.99
N ASN G 56 11.09 -19.72 -15.66
CA ASN G 56 12.04 -18.77 -16.26
C ASN G 56 12.54 -17.78 -15.22
N TYR G 57 13.27 -18.29 -14.22
CA TYR G 57 13.91 -17.45 -13.23
C TYR G 57 15.39 -17.33 -13.49
N SER G 58 16.00 -18.37 -14.03
CA SER G 58 17.33 -18.32 -14.61
C SER G 58 17.44 -19.47 -15.59
N GLU G 59 18.51 -19.45 -16.38
CA GLU G 59 18.74 -20.56 -17.30
C GLU G 59 19.31 -21.78 -16.59
N ARG G 60 19.92 -21.60 -15.42
CA ARG G 60 20.47 -22.71 -14.66
C ARG G 60 20.01 -22.64 -13.22
N VAL G 61 20.05 -23.79 -12.55
CA VAL G 61 19.61 -23.91 -11.16
C VAL G 61 20.40 -25.04 -10.51
N GLY G 62 20.85 -24.82 -9.27
CA GLY G 62 21.55 -25.86 -8.55
C GLY G 62 20.61 -26.95 -8.06
N ALA G 63 21.20 -28.09 -7.72
CA ALA G 63 20.41 -29.26 -7.35
C ALA G 63 19.81 -29.10 -5.95
N GLY G 64 20.56 -28.51 -5.02
CA GLY G 64 20.08 -28.42 -3.65
C GLY G 64 19.08 -27.31 -3.39
N ALA G 65 18.98 -26.36 -4.31
CA ALA G 65 18.02 -25.27 -4.14
C ALA G 65 16.56 -25.72 -4.13
N PRO G 66 16.06 -26.57 -5.05
CA PRO G 66 14.68 -27.05 -4.88
C PRO G 66 14.50 -27.90 -3.65
N VAL G 67 15.54 -28.60 -3.20
CA VAL G 67 15.47 -29.34 -1.94
C VAL G 67 15.24 -28.38 -0.79
N TYR G 68 15.99 -27.28 -0.78
CA TYR G 68 15.89 -26.29 0.29
C TYR G 68 14.52 -25.64 0.26
N LEU G 69 14.03 -25.34 -0.95
CA LEU G 69 12.71 -24.75 -1.12
C LEU G 69 11.61 -25.70 -0.65
N ALA G 70 11.72 -26.98 -0.99
CA ALA G 70 10.73 -27.95 -0.56
C ALA G 70 10.71 -28.07 0.95
N ALA G 71 11.89 -27.98 1.58
CA ALA G 71 11.96 -28.03 3.03
C ALA G 71 11.28 -26.83 3.66
N VAL G 72 11.56 -25.62 3.17
CA VAL G 72 10.97 -24.45 3.81
C VAL G 72 9.46 -24.38 3.55
N LEU G 73 9.03 -24.81 2.36
CA LEU G 73 7.61 -24.93 2.09
C LEU G 73 6.93 -25.92 3.03
N GLU G 74 7.57 -27.08 3.24
CA GLU G 74 6.98 -28.10 4.09
C GLU G 74 6.93 -27.62 5.54
N TYR G 75 7.93 -26.86 5.97
CA TYR G 75 7.92 -26.28 7.31
C TYR G 75 6.75 -25.30 7.48
N LEU G 76 6.57 -24.40 6.50
CA LEU G 76 5.50 -23.41 6.62
C LEU G 76 4.13 -24.06 6.59
N THR G 77 3.95 -25.05 5.70
CA THR G 77 2.69 -25.78 5.67
C THR G 77 2.45 -26.53 6.97
N ALA G 78 3.50 -27.10 7.56
CA ALA G 78 3.34 -27.78 8.85
C ALA G 78 2.90 -26.82 9.94
N GLU G 79 3.47 -25.62 9.94
CA GLU G 79 3.09 -24.61 10.93
C GLU G 79 1.63 -24.22 10.79
N ILE G 80 1.22 -23.89 9.57
CA ILE G 80 -0.16 -23.42 9.39
C ILE G 80 -1.15 -24.55 9.60
N LEU G 81 -0.75 -25.79 9.29
CA LEU G 81 -1.64 -26.91 9.51
C LEU G 81 -1.77 -27.24 10.99
N GLU G 82 -0.70 -27.11 11.75
CA GLU G 82 -0.78 -27.25 13.20
C GLU G 82 -1.73 -26.20 13.78
N LEU G 83 -1.59 -24.95 13.34
CA LEU G 83 -2.45 -23.90 13.87
C LEU G 83 -3.91 -24.11 13.48
N ALA G 84 -4.14 -24.55 12.24
CA ALA G 84 -5.50 -24.83 11.78
C ALA G 84 -6.11 -26.01 12.53
N GLY G 85 -5.32 -27.04 12.79
CA GLY G 85 -5.82 -28.17 13.54
C GLY G 85 -6.15 -27.81 14.98
N ASN G 86 -5.33 -26.93 15.57
CA ASN G 86 -5.63 -26.42 16.91
C ASN G 86 -6.93 -25.62 16.90
N ALA G 87 -7.12 -24.79 15.87
CA ALA G 87 -8.35 -24.00 15.76
C ALA G 87 -9.57 -24.90 15.58
N ALA G 88 -9.46 -25.92 14.74
CA ALA G 88 -10.59 -26.82 14.49
C ALA G 88 -10.90 -27.65 15.73
N ARG G 89 -9.87 -28.06 16.46
CA ARG G 89 -10.08 -28.75 17.74
C ARG G 89 -10.77 -27.84 18.74
N ASP G 90 -10.37 -26.56 18.78
CA ASP G 90 -11.08 -25.59 19.59
C ASP G 90 -12.49 -25.37 19.08
N ASN G 91 -12.70 -25.51 17.78
CA ASN G 91 -14.03 -25.46 17.20
C ASN G 91 -14.74 -26.79 17.26
N LYS G 92 -14.08 -27.83 17.78
CA LYS G 92 -14.61 -29.19 17.92
C LYS G 92 -15.01 -29.76 16.55
N LYS G 93 -14.23 -29.45 15.53
CA LYS G 93 -14.49 -29.91 14.18
C LYS G 93 -13.35 -30.79 13.70
N THR G 94 -13.70 -31.95 13.14
CA THR G 94 -12.72 -32.87 12.60
C THR G 94 -12.06 -32.33 11.34
N ARG G 95 -12.80 -31.59 10.53
CA ARG G 95 -12.34 -31.13 9.23
C ARG G 95 -12.15 -29.63 9.26
N ILE G 96 -10.98 -29.18 8.80
CA ILE G 96 -10.64 -27.76 8.90
C ILE G 96 -11.41 -26.97 7.84
N ILE G 97 -11.64 -25.70 8.11
CA ILE G 97 -12.45 -24.84 7.26
C ILE G 97 -11.65 -23.54 7.11
N PRO G 98 -11.83 -22.77 6.05
CA PRO G 98 -11.11 -21.49 5.97
C PRO G 98 -11.45 -20.48 7.05
N ARG G 99 -12.53 -20.66 7.82
CA ARG G 99 -12.67 -19.88 9.04
C ARG G 99 -11.54 -20.21 10.00
N HIS G 100 -11.22 -21.49 10.16
CA HIS G 100 -10.08 -21.89 10.99
C HIS G 100 -8.79 -21.35 10.42
N LEU G 101 -8.67 -21.32 9.09
CA LEU G 101 -7.48 -20.80 8.44
C LEU G 101 -7.33 -19.31 8.71
N GLN G 102 -8.43 -18.56 8.64
CA GLN G 102 -8.40 -17.12 8.95
C GLN G 102 -8.03 -16.88 10.40
N LEU G 103 -8.61 -17.65 11.31
CA LEU G 103 -8.30 -17.51 12.73
C LEU G 103 -6.85 -17.85 13.01
N ALA G 104 -6.32 -18.87 12.34
CA ALA G 104 -4.93 -19.22 12.50
C ALA G 104 -4.01 -18.16 11.92
N ILE G 105 -4.36 -17.60 10.77
CA ILE G 105 -3.42 -16.74 10.06
C ILE G 105 -3.39 -15.36 10.69
N ARG G 106 -4.48 -14.96 11.36
CA ARG G 106 -4.50 -13.61 11.91
C ARG G 106 -4.10 -13.58 13.38
N ASN G 107 -4.22 -14.70 14.09
CA ASN G 107 -3.81 -14.70 15.49
C ASN G 107 -2.32 -14.99 15.68
N ASP G 108 -1.57 -15.20 14.59
CA ASP G 108 -0.13 -15.27 14.66
C ASP G 108 0.44 -14.01 14.03
N GLU G 109 1.27 -13.30 14.80
CA GLU G 109 1.78 -12.01 14.35
C GLU G 109 2.75 -12.17 13.18
N GLU G 110 3.58 -13.21 13.19
CA GLU G 110 4.53 -13.41 12.11
C GLU G 110 3.82 -13.85 10.84
N LEU G 111 2.83 -14.72 10.99
CA LEU G 111 2.02 -15.12 9.84
C LEU G 111 1.18 -13.97 9.32
N ASN G 112 0.72 -13.10 10.22
CA ASN G 112 -0.05 -11.94 9.78
C ASN G 112 0.84 -10.97 8.99
N LYS G 113 2.07 -10.74 9.45
CA LYS G 113 2.99 -9.90 8.70
C LYS G 113 3.40 -10.57 7.40
N LEU G 114 3.39 -11.90 7.38
CA LEU G 114 3.61 -12.62 6.12
C LEU G 114 2.50 -12.35 5.12
N LEU G 115 1.25 -12.39 5.57
CA LEU G 115 0.10 -12.27 4.68
C LEU G 115 -0.83 -11.13 5.07
N GLY G 116 -0.26 -9.94 5.29
CA GLY G 116 -1.09 -8.77 5.54
C GLY G 116 -1.91 -8.37 4.33
N ARG G 117 -1.36 -8.56 3.14
CA ARG G 117 -2.01 -8.15 1.90
C ARG G 117 -2.76 -9.29 1.24
N VAL G 118 -2.94 -10.40 1.95
CA VAL G 118 -3.53 -11.61 1.39
C VAL G 118 -4.89 -11.85 2.04
N THR G 119 -5.90 -12.11 1.21
CA THR G 119 -7.27 -12.32 1.68
C THR G 119 -7.65 -13.78 1.50
N ILE G 120 -8.43 -14.30 2.44
CA ILE G 120 -8.88 -15.70 2.43
C ILE G 120 -10.34 -15.72 2.03
N ALA G 121 -10.67 -16.56 1.05
CA ALA G 121 -12.06 -16.73 0.65
C ALA G 121 -12.86 -17.39 1.75
N GLN G 122 -13.96 -16.73 2.14
CA GLN G 122 -14.86 -17.17 3.21
C GLN G 122 -14.14 -17.39 4.53
N GLY G 123 -13.11 -16.61 4.79
CA GLY G 123 -12.42 -16.69 6.06
C GLY G 123 -13.06 -15.82 7.12
N GLY G 124 -13.77 -14.78 6.67
CA GLY G 124 -14.30 -13.84 7.63
C GLY G 124 -13.18 -12.99 8.22
N VAL G 125 -13.47 -12.45 9.41
CA VAL G 125 -12.51 -11.62 10.13
C VAL G 125 -12.39 -12.14 11.56
N LEU G 126 -11.42 -11.58 12.28
CA LEU G 126 -11.29 -11.90 13.69
C LEU G 126 -12.48 -11.34 14.47
N PRO G 127 -12.95 -12.05 15.49
CA PRO G 127 -13.92 -11.46 16.42
C PRO G 127 -13.22 -10.36 17.21
N ASN G 128 -13.56 -9.11 16.88
CA ASN G 128 -12.79 -7.98 17.39
C ASN G 128 -13.73 -6.81 17.58
N ILE G 129 -13.89 -6.36 18.81
CA ILE G 129 -14.70 -5.18 19.13
C ILE G 129 -13.80 -4.22 19.90
N GLN G 130 -14.01 -2.92 19.67
CA GLN G 130 -13.29 -1.92 20.44
C GLN G 130 -13.94 -1.76 21.80
N ALA G 131 -13.11 -1.63 22.83
CA ALA G 131 -13.63 -1.50 24.19
C ALA G 131 -14.39 -0.19 24.37
N VAL G 132 -14.04 0.84 23.60
CA VAL G 132 -14.78 2.08 23.62
C VAL G 132 -16.17 1.92 23.01
N LEU G 133 -16.38 0.88 22.19
CA LEU G 133 -17.70 0.64 21.64
C LEU G 133 -18.60 -0.09 22.62
N LEU G 134 -18.03 -0.65 23.68
CA LEU G 134 -18.79 -1.41 24.65
C LEU G 134 -19.61 -0.47 25.54
N PRO G 135 -20.71 -0.95 26.11
CA PRO G 135 -21.49 -0.11 27.03
C PRO G 135 -20.73 0.18 28.32
N LYS G 136 -21.23 1.20 29.04
CA LYS G 136 -20.63 1.75 30.26
C LYS G 136 -19.18 2.16 30.05
N LYS H 31 -12.41 -38.26 -22.12
CA LYS H 31 -11.00 -37.88 -22.05
C LYS H 31 -10.83 -36.55 -21.35
N ARG H 32 -9.93 -36.50 -20.37
CA ARG H 32 -9.58 -35.27 -19.70
C ARG H 32 -8.06 -35.11 -19.66
N SER H 33 -7.64 -33.92 -19.27
CA SER H 33 -6.22 -33.59 -19.12
C SER H 33 -5.90 -33.47 -17.64
N ARG H 34 -4.69 -33.90 -17.27
CA ARG H 34 -4.28 -33.85 -15.87
C ARG H 34 -4.03 -32.41 -15.44
N LYS H 35 -4.41 -32.09 -14.21
CA LYS H 35 -4.13 -30.81 -13.59
C LYS H 35 -3.34 -31.07 -12.33
N GLU H 36 -2.27 -30.30 -12.14
CA GLU H 36 -1.35 -30.58 -11.04
C GLU H 36 -1.70 -29.72 -9.82
N SER H 37 -1.61 -30.33 -8.65
CA SER H 37 -1.92 -29.67 -7.40
C SER H 37 -1.13 -30.34 -6.30
N TYR H 38 -1.31 -29.84 -5.08
CA TYR H 38 -0.53 -30.34 -3.95
C TYR H 38 -1.38 -31.15 -2.98
N SER H 39 -2.49 -31.71 -3.45
CA SER H 39 -3.47 -32.32 -2.56
C SER H 39 -2.91 -33.52 -1.83
N VAL H 40 -2.17 -34.38 -2.54
CA VAL H 40 -1.62 -35.57 -1.90
C VAL H 40 -0.52 -35.20 -0.92
N TYR H 41 0.33 -34.22 -1.25
CA TYR H 41 1.46 -33.91 -0.39
C TYR H 41 0.99 -33.21 0.87
N VAL H 42 0.10 -32.22 0.72
CA VAL H 42 -0.45 -31.52 1.87
C VAL H 42 -1.30 -32.46 2.70
N TYR H 43 -1.99 -33.41 2.05
CA TYR H 43 -2.73 -34.41 2.79
C TYR H 43 -1.81 -35.26 3.65
N LYS H 44 -0.67 -35.68 3.09
CA LYS H 44 0.32 -36.41 3.87
C LYS H 44 0.84 -35.57 5.02
N VAL H 45 1.10 -34.29 4.78
CA VAL H 45 1.64 -33.40 5.82
C VAL H 45 0.64 -33.23 6.94
N LEU H 46 -0.63 -32.98 6.60
CA LEU H 46 -1.65 -32.77 7.62
C LEU H 46 -1.90 -34.04 8.42
N LYS H 47 -1.83 -35.20 7.76
CA LYS H 47 -1.97 -36.44 8.50
C LYS H 47 -0.79 -36.72 9.40
N GLN H 48 0.44 -36.39 8.99
CA GLN H 48 1.57 -36.68 9.85
C GLN H 48 1.72 -35.63 10.94
N VAL H 49 1.07 -34.47 10.80
CA VAL H 49 1.00 -33.57 11.95
C VAL H 49 -0.25 -33.86 12.77
N HIS H 50 -1.32 -34.35 12.13
CA HIS H 50 -2.59 -34.57 12.80
C HIS H 50 -3.31 -35.71 12.10
N PRO H 51 -3.13 -36.95 12.59
CA PRO H 51 -3.82 -38.09 11.96
C PRO H 51 -5.33 -38.02 12.05
N ASP H 52 -5.84 -37.34 13.06
CA ASP H 52 -7.26 -37.29 13.35
C ASP H 52 -8.01 -36.18 12.64
N THR H 53 -7.34 -35.32 11.89
CA THR H 53 -7.92 -34.07 11.43
C THR H 53 -8.15 -34.10 9.92
N GLY H 54 -9.32 -33.63 9.49
CA GLY H 54 -9.68 -33.59 8.10
C GLY H 54 -9.51 -32.22 7.47
N ILE H 55 -10.12 -32.06 6.29
CA ILE H 55 -9.97 -30.85 5.48
C ILE H 55 -11.14 -30.77 4.52
N SER H 56 -11.54 -29.55 4.17
CA SER H 56 -12.46 -29.33 3.07
C SER H 56 -11.69 -29.05 1.79
N SER H 57 -12.35 -29.28 0.65
CA SER H 57 -11.68 -29.18 -0.65
C SER H 57 -11.32 -27.75 -0.99
N LYS H 58 -12.21 -26.80 -0.70
CA LYS H 58 -11.89 -25.42 -1.01
C LYS H 58 -10.89 -24.84 0.00
N ALA H 59 -10.82 -25.43 1.20
CA ALA H 59 -9.68 -25.16 2.07
C ALA H 59 -8.37 -25.64 1.43
N MET H 60 -8.42 -26.77 0.74
CA MET H 60 -7.25 -27.18 -0.05
C MET H 60 -6.98 -26.22 -1.20
N GLY H 61 -8.02 -25.63 -1.78
CA GLY H 61 -7.80 -24.58 -2.76
C GLY H 61 -7.06 -23.39 -2.17
N ILE H 62 -7.43 -23.01 -0.93
CA ILE H 62 -6.71 -21.97 -0.20
C ILE H 62 -5.26 -22.38 0.00
N MET H 63 -5.02 -23.63 0.38
CA MET H 63 -3.66 -24.14 0.57
C MET H 63 -2.85 -24.13 -0.72
N ASN H 64 -3.45 -24.55 -1.82
CA ASN H 64 -2.75 -24.55 -3.11
C ASN H 64 -2.40 -23.13 -3.52
N SER H 65 -3.33 -22.20 -3.31
CA SER H 65 -3.05 -20.80 -3.60
C SER H 65 -1.95 -20.26 -2.70
N PHE H 66 -1.93 -20.68 -1.44
CA PHE H 66 -0.85 -20.32 -0.52
C PHE H 66 0.50 -20.82 -1.01
N VAL H 67 0.55 -22.09 -1.40
CA VAL H 67 1.81 -22.70 -1.84
C VAL H 67 2.32 -22.01 -3.08
N ASN H 68 1.44 -21.79 -4.06
CA ASN H 68 1.87 -21.13 -5.29
C ASN H 68 2.26 -19.68 -5.04
N ASP H 69 1.57 -19.01 -4.12
CA ASP H 69 1.85 -17.60 -3.83
C ASP H 69 3.23 -17.45 -3.20
N ILE H 70 3.52 -18.22 -2.15
CA ILE H 70 4.81 -18.04 -1.50
C ILE H 70 5.93 -18.59 -2.38
N PHE H 71 5.61 -19.58 -3.22
CA PHE H 71 6.58 -20.08 -4.18
C PHE H 71 6.94 -19.03 -5.21
N GLU H 72 5.95 -18.31 -5.74
CA GLU H 72 6.26 -17.30 -6.74
C GLU H 72 6.98 -16.11 -6.11
N ARG H 73 6.62 -15.77 -4.86
CA ARG H 73 7.36 -14.73 -4.14
C ARG H 73 8.82 -15.09 -4.01
N ILE H 74 9.11 -16.29 -3.50
CA ILE H 74 10.49 -16.67 -3.23
C ILE H 74 11.24 -16.88 -4.54
N ALA H 75 10.53 -17.29 -5.60
CA ALA H 75 11.18 -17.54 -6.87
C ALA H 75 11.55 -16.23 -7.56
N GLY H 76 10.64 -15.25 -7.55
CA GLY H 76 10.95 -13.95 -8.12
C GLY H 76 12.06 -13.26 -7.36
N GLU H 77 12.05 -13.39 -6.02
CA GLU H 77 13.14 -12.82 -5.24
C GLU H 77 14.47 -13.49 -5.55
N ALA H 78 14.49 -14.82 -5.67
CA ALA H 78 15.73 -15.53 -5.98
C ALA H 78 16.24 -15.18 -7.37
N SER H 79 15.33 -15.04 -8.32
CA SER H 79 15.72 -14.65 -9.68
C SER H 79 16.33 -13.26 -9.69
N ARG H 80 15.74 -12.34 -8.92
CA ARG H 80 16.31 -11.00 -8.85
C ARG H 80 17.64 -10.99 -8.10
N LEU H 81 17.81 -11.86 -7.11
CA LEU H 81 19.11 -12.00 -6.46
C LEU H 81 20.17 -12.46 -7.44
N ALA H 82 19.82 -13.44 -8.29
CA ALA H 82 20.74 -13.89 -9.32
C ALA H 82 21.01 -12.78 -10.32
N HIS H 83 20.01 -11.95 -10.57
CA HIS H 83 20.19 -10.79 -11.45
C HIS H 83 21.18 -9.80 -10.86
N TYR H 84 21.09 -9.55 -9.55
CA TYR H 84 21.92 -8.53 -8.94
C TYR H 84 23.37 -8.97 -8.85
N ASN H 85 23.59 -10.25 -8.59
CA ASN H 85 24.93 -10.81 -8.51
C ASN H 85 25.41 -11.34 -9.85
N LYS H 86 24.65 -11.10 -10.91
CA LYS H 86 24.94 -11.56 -12.27
C LYS H 86 25.12 -13.07 -12.32
N ARG H 87 24.25 -13.78 -11.62
CA ARG H 87 24.39 -15.21 -11.42
C ARG H 87 23.54 -15.97 -12.43
N SER H 88 24.14 -16.99 -13.03
CA SER H 88 23.44 -17.81 -14.01
C SER H 88 22.66 -18.95 -13.39
N THR H 89 23.06 -19.41 -12.22
CA THR H 89 22.60 -20.66 -11.66
C THR H 89 21.99 -20.41 -10.28
N ILE H 90 20.77 -20.86 -10.07
CA ILE H 90 20.10 -20.69 -8.79
C ILE H 90 20.60 -21.75 -7.84
N THR H 91 21.41 -21.34 -6.86
CA THR H 91 21.91 -22.22 -5.81
C THR H 91 21.15 -21.96 -4.52
N SER H 92 21.42 -22.81 -3.53
CA SER H 92 20.68 -22.72 -2.28
C SER H 92 21.11 -21.54 -1.42
N ARG H 93 22.26 -20.93 -1.72
CA ARG H 93 22.71 -19.79 -0.92
C ARG H 93 21.77 -18.60 -1.08
N GLU H 94 21.42 -18.26 -2.32
CA GLU H 94 20.45 -17.20 -2.53
C GLU H 94 19.06 -17.63 -2.10
N ILE H 95 18.77 -18.93 -2.12
CA ILE H 95 17.48 -19.39 -1.61
C ILE H 95 17.37 -19.11 -0.12
N GLN H 96 18.37 -19.52 0.66
CA GLN H 96 18.35 -19.27 2.09
C GLN H 96 18.46 -17.79 2.39
N THR H 97 19.17 -17.05 1.54
CA THR H 97 19.23 -15.60 1.68
C THR H 97 17.85 -14.97 1.54
N ALA H 98 17.09 -15.40 0.54
CA ALA H 98 15.78 -14.83 0.32
C ALA H 98 14.78 -15.30 1.39
N VAL H 99 14.97 -16.52 1.90
CA VAL H 99 14.14 -16.98 3.02
C VAL H 99 14.39 -16.13 4.26
N ARG H 100 15.66 -15.85 4.55
CA ARG H 100 16.00 -14.93 5.64
C ARG H 100 15.45 -13.54 5.35
N LEU H 101 15.37 -13.19 4.07
CA LEU H 101 14.94 -11.86 3.68
C LEU H 101 13.44 -11.67 3.87
N LEU H 102 12.63 -12.66 3.48
CA LEU H 102 11.19 -12.48 3.45
C LEU H 102 10.52 -12.94 4.73
N LEU H 103 11.00 -14.00 5.32
CA LEU H 103 10.29 -14.59 6.46
C LEU H 103 10.51 -13.75 7.71
N PRO H 104 9.46 -13.27 8.35
CA PRO H 104 9.63 -12.45 9.56
C PRO H 104 9.93 -13.31 10.78
N GLY H 105 10.91 -12.87 11.56
CA GLY H 105 11.20 -13.44 12.86
C GLY H 105 11.68 -14.88 12.87
N GLU H 106 11.19 -15.65 13.83
CA GLU H 106 11.75 -16.97 14.12
C GLU H 106 11.35 -17.99 13.07
N LEU H 107 10.32 -17.67 12.28
CA LEU H 107 10.00 -18.48 11.11
C LEU H 107 11.20 -18.59 10.18
N ALA H 108 11.95 -17.49 10.02
CA ALA H 108 13.13 -17.51 9.18
C ALA H 108 14.19 -18.46 9.73
N LYS H 109 14.47 -18.40 11.04
CA LYS H 109 15.51 -19.24 11.62
C LYS H 109 15.12 -20.72 11.56
N HIS H 110 13.86 -21.04 11.88
CA HIS H 110 13.40 -22.42 11.76
C HIS H 110 13.44 -22.91 10.33
N ALA H 111 13.06 -22.08 9.36
CA ALA H 111 13.11 -22.48 7.96
C ALA H 111 14.54 -22.72 7.51
N VAL H 112 15.48 -21.88 7.96
CA VAL H 112 16.88 -22.08 7.63
C VAL H 112 17.38 -23.38 8.22
N SER H 113 17.01 -23.67 9.47
CA SER H 113 17.40 -24.92 10.10
C SER H 113 16.86 -26.13 9.36
N GLU H 114 15.57 -26.10 9.00
CA GLU H 114 14.95 -27.24 8.33
C GLU H 114 15.54 -27.45 6.94
N GLY H 115 15.74 -26.36 6.20
CA GLY H 115 16.35 -26.47 4.88
C GLY H 115 17.78 -26.96 4.96
N THR H 116 18.52 -26.51 5.97
CA THR H 116 19.89 -26.97 6.15
C THR H 116 19.93 -28.46 6.44
N LYS H 117 19.00 -28.94 7.27
CA LYS H 117 18.91 -30.37 7.55
C LYS H 117 18.58 -31.16 6.28
N ALA H 118 17.63 -30.66 5.49
CA ALA H 118 17.24 -31.35 4.26
C ALA H 118 18.39 -31.38 3.26
N VAL H 119 19.12 -30.27 3.16
CA VAL H 119 20.32 -30.22 2.32
C VAL H 119 21.36 -31.21 2.84
N THR H 120 21.44 -31.37 4.17
CA THR H 120 22.40 -32.32 4.74
C THR H 120 22.07 -33.76 4.34
N LYS H 121 20.81 -34.17 4.47
CA LYS H 121 20.46 -35.53 4.05
C LYS H 121 20.57 -35.72 2.54
N TYR H 122 20.20 -34.70 1.76
CA TYR H 122 20.30 -34.86 0.31
C TYR H 122 21.77 -34.85 -0.12
N THR H 123 22.62 -34.18 0.64
CA THR H 123 24.06 -34.25 0.41
C THR H 123 24.58 -35.65 0.71
N SER H 124 24.12 -36.24 1.81
CA SER H 124 24.47 -37.62 2.11
C SER H 124 23.80 -38.62 1.17
N ALA H 125 22.74 -38.23 0.49
CA ALA H 125 22.08 -39.10 -0.48
C ALA H 125 22.44 -38.69 -1.91
N SER K 35 -31.40 52.35 19.16
CA SER K 35 -31.00 52.38 20.57
C SER K 35 -31.75 51.32 21.36
N GLY K 36 -32.89 51.71 21.94
CA GLY K 36 -33.70 50.81 22.70
C GLY K 36 -33.27 50.67 24.14
N PRO K 37 -33.99 49.85 24.90
CA PRO K 37 -33.66 49.67 26.33
C PRO K 37 -32.40 48.86 26.50
N PRO K 38 -31.73 48.96 27.65
CA PRO K 38 -30.58 48.09 27.93
C PRO K 38 -30.98 46.64 28.07
N VAL K 39 -29.97 45.76 27.94
CA VAL K 39 -30.23 44.34 27.74
C VAL K 39 -30.47 43.59 29.05
N SER K 40 -30.23 44.25 30.20
CA SER K 40 -30.34 43.56 31.48
C SER K 40 -31.77 43.13 31.77
N GLU K 41 -32.72 44.06 31.61
CA GLU K 41 -34.12 43.69 31.83
C GLU K 41 -34.61 42.77 30.71
N LEU K 42 -33.97 42.82 29.54
CA LEU K 42 -34.26 41.85 28.49
C LEU K 42 -33.86 40.44 28.93
N ILE K 43 -32.73 40.31 29.62
CA ILE K 43 -32.31 39.01 30.15
C ILE K 43 -33.27 38.55 31.24
N THR K 44 -33.73 39.48 32.09
CA THR K 44 -34.67 39.10 33.14
C THR K 44 -36.01 38.65 32.54
N LYS K 45 -36.44 39.28 31.45
CA LYS K 45 -37.64 38.80 30.76
C LYS K 45 -37.40 37.46 30.10
N ALA K 46 -36.18 37.22 29.63
CA ALA K 46 -35.83 35.93 29.04
C ALA K 46 -35.91 34.81 30.06
N VAL K 47 -35.42 35.05 31.28
CA VAL K 47 -35.52 34.02 32.31
C VAL K 47 -36.94 33.97 32.88
N ALA K 48 -37.69 35.07 32.80
CA ALA K 48 -39.04 35.11 33.32
C ALA K 48 -40.08 34.58 32.36
N ALA K 49 -39.72 34.33 31.09
CA ALA K 49 -40.69 33.87 30.10
C ALA K 49 -41.22 32.48 30.40
N SER K 50 -40.39 31.62 31.00
CA SER K 50 -40.70 30.19 31.04
C SER K 50 -41.13 29.69 32.41
N LYS K 51 -40.29 29.94 33.42
CA LYS K 51 -40.33 29.25 34.71
C LYS K 51 -40.34 27.73 34.53
N GLU K 52 -39.31 27.25 33.84
CA GLU K 52 -39.01 25.83 33.92
C GLU K 52 -38.45 25.52 35.32
N ARG K 53 -38.55 24.25 35.72
CA ARG K 53 -38.19 23.90 37.10
C ARG K 53 -36.69 24.00 37.35
N SER K 54 -35.90 23.84 36.29
CA SER K 54 -34.48 24.17 36.33
C SER K 54 -34.27 25.53 35.66
N GLY K 55 -33.06 26.05 35.79
CA GLY K 55 -32.76 27.36 35.20
C GLY K 55 -32.76 27.35 33.69
N VAL K 56 -32.88 28.52 33.07
CA VAL K 56 -32.89 28.57 31.62
C VAL K 56 -31.47 28.45 31.11
N SER K 57 -31.29 27.70 30.04
CA SER K 57 -29.96 27.55 29.48
C SER K 57 -29.57 28.79 28.68
N LEU K 58 -28.28 28.89 28.40
CA LEU K 58 -27.77 30.02 27.62
C LEU K 58 -28.28 29.96 26.18
N ALA K 59 -28.37 28.75 25.60
CA ALA K 59 -28.88 28.62 24.25
C ALA K 59 -30.35 28.99 24.16
N ALA K 60 -31.13 28.60 25.18
CA ALA K 60 -32.56 28.92 25.19
C ALA K 60 -32.78 30.43 25.33
N LEU K 61 -32.00 31.11 26.17
CA LEU K 61 -32.16 32.55 26.29
C LEU K 61 -31.65 33.29 25.06
N LYS K 62 -30.62 32.76 24.40
CA LYS K 62 -30.19 33.33 23.12
C LYS K 62 -31.29 33.19 22.07
N LYS K 63 -31.95 32.03 22.02
CA LYS K 63 -33.08 31.86 21.12
C LYS K 63 -34.25 32.77 21.53
N ALA K 64 -34.40 33.03 22.83
CA ALA K 64 -35.46 33.91 23.30
C ALA K 64 -35.22 35.36 22.85
N LEU K 65 -33.98 35.84 22.95
CA LEU K 65 -33.68 37.18 22.46
C LEU K 65 -33.71 37.24 20.94
N ALA K 66 -33.43 36.11 20.28
CA ALA K 66 -33.58 36.06 18.83
C ALA K 66 -35.06 36.16 18.43
N ALA K 67 -35.93 35.47 19.17
CA ALA K 67 -37.35 35.45 18.83
C ALA K 67 -38.02 36.77 19.18
N ALA K 68 -37.69 37.35 20.34
CA ALA K 68 -38.24 38.65 20.71
C ALA K 68 -37.67 39.76 19.83
N GLY K 69 -36.46 39.57 19.31
CA GLY K 69 -35.86 40.54 18.41
C GLY K 69 -34.70 41.29 19.04
N TYR K 70 -33.49 40.84 18.72
CA TYR K 70 -32.27 41.48 19.19
C TYR K 70 -31.12 40.99 18.34
N ASP K 71 -30.18 41.89 18.05
CA ASP K 71 -28.99 41.53 17.27
C ASP K 71 -28.10 40.79 18.27
N VAL K 72 -28.30 39.47 18.33
CA VAL K 72 -27.59 38.66 19.31
C VAL K 72 -26.17 38.33 18.83
N GLU K 73 -25.91 38.47 17.53
CA GLU K 73 -24.65 37.96 16.98
C GLU K 73 -23.46 38.83 17.37
N LYS K 74 -23.62 40.16 17.39
CA LYS K 74 -22.50 41.03 17.71
C LYS K 74 -22.44 41.38 19.18
N ASN K 75 -23.36 40.85 19.98
CA ASN K 75 -23.47 41.22 21.39
C ASN K 75 -23.31 40.02 22.30
N ASN K 76 -22.55 39.01 21.86
CA ASN K 76 -22.28 37.85 22.71
C ASN K 76 -21.50 38.25 23.95
N SER K 77 -20.49 39.12 23.77
CA SER K 77 -19.77 39.66 24.91
C SER K 77 -20.69 40.48 25.80
N ARG K 78 -21.58 41.27 25.19
CA ARG K 78 -22.52 42.09 25.95
C ARG K 78 -23.47 41.24 26.78
N ILE K 79 -24.04 40.19 26.19
CA ILE K 79 -24.99 39.37 26.95
C ILE K 79 -24.27 38.54 27.99
N LYS K 80 -23.03 38.12 27.72
CA LYS K 80 -22.28 37.34 28.71
C LYS K 80 -21.90 38.21 29.91
N LEU K 81 -21.45 39.44 29.65
CA LEU K 81 -21.15 40.33 30.77
C LEU K 81 -22.41 40.73 31.51
N GLY K 82 -23.52 40.89 30.81
CA GLY K 82 -24.78 41.20 31.48
C GLY K 82 -25.26 40.09 32.38
N LEU K 83 -25.16 38.84 31.91
CA LEU K 83 -25.60 37.71 32.73
C LEU K 83 -24.67 37.51 33.90
N LYS K 84 -23.36 37.67 33.70
CA LYS K 84 -22.41 37.53 34.81
C LYS K 84 -22.62 38.63 35.86
N SER K 85 -22.89 39.86 35.40
CA SER K 85 -23.18 40.95 36.31
C SER K 85 -24.46 40.68 37.09
N LEU K 86 -25.48 40.17 36.41
CA LEU K 86 -26.77 39.91 37.06
C LEU K 86 -26.67 38.76 38.05
N VAL K 87 -25.80 37.79 37.78
CA VAL K 87 -25.48 36.77 38.78
C VAL K 87 -24.78 37.41 39.98
N SER K 88 -23.80 38.29 39.72
CA SER K 88 -22.98 38.82 40.81
C SER K 88 -23.77 39.74 41.73
N LYS K 89 -24.81 40.40 41.21
CA LYS K 89 -25.71 41.14 42.09
C LYS K 89 -26.55 40.23 42.96
N GLY K 90 -26.68 38.95 42.61
CA GLY K 90 -27.57 38.06 43.31
C GLY K 90 -29.02 38.16 42.89
N THR K 91 -29.34 39.06 41.96
CA THR K 91 -30.70 39.17 41.44
C THR K 91 -31.05 37.94 40.62
N LEU K 92 -30.07 37.36 39.93
CA LEU K 92 -30.21 36.05 39.32
C LEU K 92 -29.28 35.09 40.05
N VAL K 93 -29.72 33.85 40.18
CA VAL K 93 -28.91 32.78 40.73
C VAL K 93 -28.75 31.67 39.70
N GLN K 94 -27.50 31.29 39.46
CA GLN K 94 -27.17 30.29 38.44
C GLN K 94 -27.45 28.91 39.01
N THR K 95 -28.18 28.09 38.26
CA THR K 95 -28.65 26.81 38.78
C THR K 95 -27.53 25.78 38.83
N LYS K 96 -26.91 25.49 37.70
CA LYS K 96 -25.96 24.40 37.61
C LYS K 96 -24.56 24.85 37.19
N GLY K 97 -24.45 25.64 36.13
CA GLY K 97 -23.17 25.90 35.51
C GLY K 97 -22.34 26.93 36.25
N THR K 98 -21.22 27.29 35.62
CA THR K 98 -20.31 28.32 36.12
C THR K 98 -20.02 29.30 34.99
N GLY K 99 -20.04 30.59 35.33
CA GLY K 99 -19.85 31.61 34.32
C GLY K 99 -21.05 31.71 33.42
N ALA K 100 -20.81 31.64 32.11
CA ALA K 100 -21.89 31.73 31.13
C ALA K 100 -22.52 30.37 30.82
N SER K 101 -21.96 29.27 31.32
CA SER K 101 -22.46 27.95 30.98
C SER K 101 -23.54 27.51 31.96
N GLY K 102 -24.23 26.44 31.60
CA GLY K 102 -25.23 25.84 32.48
C GLY K 102 -26.59 26.50 32.38
N SER K 103 -27.26 26.54 33.53
CA SER K 103 -28.64 26.99 33.62
C SER K 103 -28.74 28.16 34.60
N PHE K 104 -29.64 29.09 34.29
CA PHE K 104 -29.80 30.33 35.03
C PHE K 104 -31.25 30.49 35.45
N LYS K 105 -31.50 30.65 36.75
CA LYS K 105 -32.85 30.80 37.24
C LYS K 105 -32.99 32.08 38.05
N LEU K 106 -34.23 32.47 38.30
CA LEU K 106 -34.49 33.68 39.07
C LEU K 106 -34.13 33.47 40.53
N ASN K 107 -34.06 34.58 41.26
CA ASN K 107 -33.75 34.53 42.68
C ASN K 107 -34.95 33.98 43.47
N LYS K 108 -34.77 33.90 44.79
CA LYS K 108 -35.83 33.44 45.68
C LYS K 108 -37.03 34.39 45.65
N LYS K 109 -36.76 35.70 45.64
CA LYS K 109 -37.82 36.69 45.63
C LYS K 109 -37.44 37.88 44.75
#